data_6QA2
#
_entry.id   6QA2
#
_cell.length_a   113.107
_cell.length_b   121.730
_cell.length_c   150.708
_cell.angle_alpha   90.00
_cell.angle_beta   90.00
_cell.angle_gamma   90.00
#
_symmetry.space_group_name_H-M   'I 2 2 2'
#
loop_
_entity.id
_entity.type
_entity.pdbx_description
1 polymer 'Nucleoside diphosphate kinase'
2 non-polymer 'SULFATE ION'
3 non-polymer TRIS(HYDROXYETHYL)AMINOMETHANE
4 water water
#
_entity_poly.entity_id   1
_entity_poly.type   'polypeptide(L)'
_entity_poly.pdbx_seq_one_letter_code
;MTERTLVLIKPDGIERQLIGEIISRIERKGLTIAALQLRTVSAELASQHYAEHEGKPFFGSLLEFITSGPVVAAIVEGTA
AIAAVRQLAGGTDPVQAAAPGTIRGDFALETQFNLVHGSDSAESAQREIALWFPGA
;
_entity_poly.pdbx_strand_id   A,B,C,D,E,F
#
loop_
_chem_comp.id
_chem_comp.type
_chem_comp.name
_chem_comp.formula
SO4 non-polymer 'SULFATE ION' 'O4 S -2'
TAM non-polymer TRIS(HYDROXYETHYL)AMINOMETHANE 'C7 H17 N O3'
#
# COMPACT_ATOMS: atom_id res chain seq x y z
N THR A 2 16.57 6.37 -23.50
CA THR A 2 16.28 6.79 -22.13
C THR A 2 16.51 8.29 -21.97
N GLU A 3 15.77 8.89 -21.05
CA GLU A 3 15.81 10.33 -20.83
C GLU A 3 16.18 10.62 -19.38
N ARG A 4 16.41 11.90 -19.11
CA ARG A 4 16.60 12.39 -17.75
C ARG A 4 15.69 13.59 -17.54
N THR A 5 15.12 13.69 -16.34
CA THR A 5 14.27 14.81 -15.98
C THR A 5 14.56 15.20 -14.55
N LEU A 6 14.26 16.46 -14.22
CA LEU A 6 14.43 16.96 -12.86
C LEU A 6 13.10 16.89 -12.13
N VAL A 7 13.12 16.30 -10.94
CA VAL A 7 11.95 16.24 -10.07
C VAL A 7 12.23 17.06 -8.84
N LEU A 8 11.27 17.91 -8.47
CA LEU A 8 11.30 18.64 -7.21
C LEU A 8 10.18 18.17 -6.31
N ILE A 9 10.53 17.81 -5.08
CA ILE A 9 9.56 17.68 -4.00
C ILE A 9 9.60 19.01 -3.25
N LYS A 10 8.52 19.78 -3.40
CA LYS A 10 8.49 21.15 -2.89
C LYS A 10 8.29 21.14 -1.38
N PRO A 11 8.42 22.31 -0.73
CA PRO A 11 8.40 22.32 0.74
C PRO A 11 7.19 21.65 1.36
N ASP A 12 6.01 21.73 0.73
CA ASP A 12 4.83 21.08 1.30
C ASP A 12 4.97 19.56 1.27
N GLY A 13 5.68 19.01 0.28
CA GLY A 13 5.90 17.59 0.24
C GLY A 13 6.86 17.13 1.32
N ILE A 14 7.86 17.95 1.63
CA ILE A 14 8.77 17.64 2.73
C ILE A 14 8.06 17.78 4.06
N GLU A 15 7.34 18.89 4.25
CA GLU A 15 6.64 19.12 5.52
C GLU A 15 5.67 17.99 5.84
N ARG A 16 5.07 17.39 4.81
CA ARG A 16 4.12 16.30 5.01
C ARG A 16 4.77 14.92 5.06
N GLN A 17 6.11 14.87 5.05
CA GLN A 17 6.84 13.60 5.13
C GLN A 17 6.36 12.60 4.08
N LEU A 18 6.31 13.08 2.83
CA LEU A 18 5.92 12.25 1.69
C LEU A 18 7.10 11.95 0.77
N ILE A 19 8.33 12.13 1.26
CA ILE A 19 9.50 11.88 0.42
C ILE A 19 9.51 10.43 -0.05
N GLY A 20 9.41 9.49 0.89
CA GLY A 20 9.47 8.07 0.52
C GLY A 20 8.35 7.68 -0.43
N GLU A 21 7.13 8.09 -0.11
CA GLU A 21 5.99 7.76 -0.95
C GLU A 21 6.21 8.24 -2.39
N ILE A 22 6.74 9.46 -2.55
CA ILE A 22 6.93 10.01 -3.89
C ILE A 22 8.03 9.26 -4.63
N ILE A 23 9.14 8.99 -3.95
CA ILE A 23 10.22 8.23 -4.59
C ILE A 23 9.77 6.80 -4.89
N SER A 24 8.93 6.23 -4.03
CA SER A 24 8.44 4.87 -4.29
C SER A 24 7.65 4.80 -5.59
N ARG A 25 6.80 5.80 -5.85
CA ARG A 25 6.01 5.81 -7.07
C ARG A 25 6.91 5.95 -8.30
N ILE A 26 8.02 6.68 -8.17
CA ILE A 26 8.95 6.81 -9.29
C ILE A 26 9.66 5.49 -9.55
N GLU A 27 10.12 4.83 -8.48
CA GLU A 27 10.86 3.58 -8.64
C GLU A 27 9.99 2.47 -9.21
N ARG A 28 8.81 2.25 -8.62
CA ARG A 28 7.95 1.17 -9.11
C ARG A 28 7.50 1.39 -10.55
N LYS A 29 7.49 2.65 -11.01
CA LYS A 29 7.24 2.96 -12.41
C LYS A 29 8.32 2.43 -13.34
N GLY A 30 9.48 2.02 -12.79
CA GLY A 30 10.58 1.54 -13.58
C GLY A 30 11.69 2.56 -13.79
N LEU A 31 11.53 3.77 -13.28
CA LEU A 31 12.53 4.82 -13.40
C LEU A 31 13.56 4.69 -12.28
N THR A 32 14.76 5.21 -12.54
CA THR A 32 15.85 5.17 -11.58
C THR A 32 16.16 6.57 -11.08
N ILE A 33 16.75 6.62 -9.88
CA ILE A 33 17.14 7.86 -9.23
C ILE A 33 18.62 8.06 -9.51
N ALA A 34 18.94 8.98 -10.44
CA ALA A 34 20.32 9.25 -10.82
C ALA A 34 20.99 10.26 -9.92
N ALA A 35 20.22 11.08 -9.21
CA ALA A 35 20.77 12.02 -8.24
C ALA A 35 19.64 12.40 -7.29
N LEU A 36 20.02 12.72 -6.06
CA LEU A 36 19.04 12.95 -5.00
C LEU A 36 19.70 13.83 -3.94
N GLN A 37 19.01 14.87 -3.51
CA GLN A 37 19.57 15.76 -2.49
C GLN A 37 18.46 16.57 -1.84
N LEU A 38 18.42 16.54 -0.51
CA LEU A 38 17.64 17.49 0.26
C LEU A 38 18.46 18.75 0.46
N ARG A 39 17.88 19.90 0.14
CA ARG A 39 18.62 21.16 0.17
C ARG A 39 17.65 22.30 0.40
N THR A 40 18.21 23.43 0.81
CA THR A 40 17.48 24.70 0.87
C THR A 40 17.74 25.49 -0.40
N VAL A 41 16.71 26.19 -0.88
CA VAL A 41 16.76 26.92 -2.13
C VAL A 41 17.09 28.37 -1.82
N SER A 42 18.20 28.87 -2.38
CA SER A 42 18.57 30.26 -2.20
C SER A 42 17.70 31.16 -3.07
N ALA A 43 17.67 32.44 -2.70
CA ALA A 43 16.91 33.41 -3.48
C ALA A 43 17.39 33.43 -4.93
N GLU A 44 18.70 33.37 -5.14
CA GLU A 44 19.24 33.36 -6.50
C GLU A 44 18.71 32.16 -7.28
N LEU A 45 18.81 30.95 -6.70
CA LEU A 45 18.35 29.76 -7.40
C LEU A 45 16.86 29.83 -7.69
N ALA A 46 16.06 30.24 -6.71
CA ALA A 46 14.62 30.36 -6.92
C ALA A 46 14.30 31.24 -8.11
N SER A 47 14.99 32.39 -8.22
CA SER A 47 14.74 33.29 -9.34
C SER A 47 15.23 32.71 -10.66
N GLN A 48 16.27 31.88 -10.62
CA GLN A 48 16.71 31.19 -11.83
C GLN A 48 15.70 30.11 -12.23
N HIS A 49 15.28 29.29 -11.26
CA HIS A 49 14.35 28.21 -11.57
C HIS A 49 13.05 28.74 -12.16
N TYR A 50 12.51 29.82 -11.60
CA TYR A 50 11.24 30.39 -12.02
C TYR A 50 11.42 31.61 -12.92
N ALA A 51 12.56 31.71 -13.62
CA ALA A 51 12.81 32.90 -14.44
C ALA A 51 11.70 33.11 -15.46
N GLU A 52 11.13 32.02 -15.99
CA GLU A 52 10.10 32.15 -17.02
C GLU A 52 8.86 32.87 -16.51
N HIS A 53 8.65 32.93 -15.20
CA HIS A 53 7.45 33.52 -14.63
C HIS A 53 7.62 34.97 -14.21
N GLU A 54 8.78 35.56 -14.43
CA GLU A 54 8.97 36.98 -14.14
C GLU A 54 7.90 37.80 -14.85
N GLY A 55 7.37 38.80 -14.16
CA GLY A 55 6.33 39.64 -14.69
C GLY A 55 4.92 39.14 -14.43
N LYS A 56 4.76 37.86 -14.13
CA LYS A 56 3.43 37.32 -13.86
C LYS A 56 3.04 37.57 -12.41
N PRO A 57 1.75 37.70 -12.12
CA PRO A 57 1.34 38.11 -10.75
C PRO A 57 1.70 37.11 -9.68
N PHE A 58 1.86 35.83 -10.02
CA PHE A 58 2.17 34.80 -9.03
C PHE A 58 3.67 34.59 -8.86
N PHE A 59 4.51 35.43 -9.48
CA PHE A 59 5.95 35.24 -9.42
C PHE A 59 6.47 35.39 -7.99
N GLY A 60 6.07 36.47 -7.31
CA GLY A 60 6.56 36.70 -5.96
C GLY A 60 6.24 35.56 -5.02
N SER A 61 5.01 35.04 -5.07
CA SER A 61 4.62 33.98 -4.15
C SER A 61 5.37 32.68 -4.45
N LEU A 62 5.69 32.42 -5.72
CA LEU A 62 6.48 31.23 -6.05
C LEU A 62 7.85 31.30 -5.40
N LEU A 63 8.51 32.47 -5.47
CA LEU A 63 9.82 32.62 -4.85
C LEU A 63 9.73 32.45 -3.33
N GLU A 64 8.73 33.08 -2.72
CA GLU A 64 8.56 32.96 -1.28
C GLU A 64 8.37 31.50 -0.86
N PHE A 65 7.50 30.77 -1.56
CA PHE A 65 7.20 29.39 -1.17
C PHE A 65 8.42 28.49 -1.33
N ILE A 66 9.07 28.55 -2.49
CA ILE A 66 10.19 27.63 -2.77
C ILE A 66 11.34 27.86 -1.80
N THR A 67 11.43 29.05 -1.20
CA THR A 67 12.48 29.37 -0.24
C THR A 67 11.99 29.28 1.20
N SER A 68 10.74 28.86 1.42
CA SER A 68 10.18 28.83 2.77
C SER A 68 10.60 27.59 3.55
N GLY A 69 11.14 26.57 2.87
CA GLY A 69 11.55 25.35 3.53
C GLY A 69 12.39 24.50 2.61
N PRO A 70 13.04 23.48 3.16
CA PRO A 70 13.89 22.62 2.33
C PRO A 70 13.09 21.87 1.28
N VAL A 71 13.76 21.54 0.19
CA VAL A 71 13.18 20.76 -0.90
C VAL A 71 14.03 19.50 -1.07
N VAL A 72 13.52 18.59 -1.88
CA VAL A 72 14.30 17.45 -2.36
C VAL A 72 14.33 17.53 -3.88
N ALA A 73 15.53 17.62 -4.44
CA ALA A 73 15.72 17.61 -5.88
C ALA A 73 16.29 16.26 -6.29
N ALA A 74 15.89 15.80 -7.47
CA ALA A 74 16.37 14.52 -7.97
C ALA A 74 16.42 14.55 -9.49
N ILE A 75 17.35 13.78 -10.04
CA ILE A 75 17.36 13.47 -11.47
C ILE A 75 16.76 12.06 -11.60
N VAL A 76 15.70 11.96 -12.38
CA VAL A 76 15.02 10.69 -12.63
C VAL A 76 15.32 10.27 -14.06
N GLU A 77 15.69 9.02 -14.25
CA GLU A 77 16.24 8.55 -15.52
C GLU A 77 15.54 7.26 -15.95
N GLY A 78 15.38 7.12 -17.25
CA GLY A 78 14.77 5.94 -17.82
C GLY A 78 14.05 6.28 -19.10
N THR A 79 13.50 5.23 -19.73
CA THR A 79 12.71 5.41 -20.95
C THR A 79 11.57 6.38 -20.70
N ALA A 80 11.47 7.39 -21.56
CA ALA A 80 10.38 8.37 -21.51
C ALA A 80 10.23 8.95 -20.11
N ALA A 81 11.37 9.19 -19.45
CA ALA A 81 11.35 9.65 -18.07
C ALA A 81 10.56 10.95 -17.93
N ILE A 82 10.75 11.88 -18.86
CA ILE A 82 10.12 13.20 -18.76
C ILE A 82 8.60 13.05 -18.69
N ALA A 83 8.02 12.46 -19.74
CA ALA A 83 6.57 12.28 -19.76
C ALA A 83 6.09 11.36 -18.64
N ALA A 84 6.90 10.37 -18.27
CA ALA A 84 6.50 9.46 -17.20
C ALA A 84 6.35 10.18 -15.87
N VAL A 85 7.27 11.10 -15.58
CA VAL A 85 7.20 11.85 -14.33
C VAL A 85 5.98 12.76 -14.33
N ARG A 86 5.71 13.44 -15.45
CA ARG A 86 4.53 14.29 -15.54
C ARG A 86 3.26 13.46 -15.34
N GLN A 87 3.23 12.25 -15.91
CA GLN A 87 2.10 11.34 -15.70
C GLN A 87 1.94 11.01 -14.22
N LEU A 88 3.04 10.63 -13.56
CA LEU A 88 2.98 10.28 -12.15
C LEU A 88 2.54 11.46 -11.30
N ALA A 89 2.99 12.66 -11.65
CA ALA A 89 2.68 13.84 -10.84
C ALA A 89 1.22 14.24 -10.98
N GLY A 90 0.73 14.32 -12.21
CA GLY A 90 -0.64 14.70 -12.48
C GLY A 90 -0.77 16.18 -12.82
N GLY A 91 -1.96 16.54 -13.28
CA GLY A 91 -2.23 17.91 -13.66
C GLY A 91 -2.06 18.87 -12.51
N THR A 92 -2.03 20.16 -12.86
CA THR A 92 -1.69 21.22 -11.92
C THR A 92 -2.65 21.24 -10.73
N ASP A 93 -3.93 21.45 -10.99
CA ASP A 93 -4.91 21.51 -9.91
C ASP A 93 -5.16 20.09 -9.39
N PRO A 94 -4.81 19.78 -8.13
CA PRO A 94 -4.91 18.39 -7.68
C PRO A 94 -6.32 17.81 -7.73
N VAL A 95 -7.35 18.63 -7.73
CA VAL A 95 -8.73 18.13 -7.70
C VAL A 95 -9.40 18.24 -9.07
N GLN A 96 -9.21 19.37 -9.75
CA GLN A 96 -9.90 19.61 -11.01
C GLN A 96 -9.14 19.07 -12.22
N ALA A 97 -7.84 18.82 -12.10
CA ALA A 97 -7.03 18.38 -13.23
C ALA A 97 -6.29 17.09 -12.97
N ALA A 98 -5.71 16.90 -11.79
CA ALA A 98 -4.92 15.71 -11.51
C ALA A 98 -5.80 14.48 -11.50
N ALA A 99 -5.47 13.50 -12.35
CA ALA A 99 -6.22 12.26 -12.38
C ALA A 99 -6.06 11.51 -11.07
N PRO A 100 -7.04 10.71 -10.67
CA PRO A 100 -6.83 9.81 -9.53
C PRO A 100 -5.69 8.84 -9.82
N GLY A 101 -4.95 8.48 -8.77
CA GLY A 101 -3.80 7.63 -8.91
C GLY A 101 -2.49 8.35 -9.14
N THR A 102 -2.54 9.65 -9.38
CA THR A 102 -1.33 10.46 -9.46
C THR A 102 -0.95 10.96 -8.06
N ILE A 103 0.27 11.48 -7.95
CA ILE A 103 0.72 12.02 -6.67
C ILE A 103 -0.21 13.13 -6.22
N ARG A 104 -0.48 14.11 -7.11
CA ARG A 104 -1.33 15.23 -6.75
C ARG A 104 -2.78 14.76 -6.55
N GLY A 105 -3.26 13.87 -7.41
CA GLY A 105 -4.63 13.39 -7.28
C GLY A 105 -4.88 12.62 -6.00
N ASP A 106 -3.87 11.89 -5.51
CA ASP A 106 -4.03 11.08 -4.32
C ASP A 106 -3.71 11.82 -3.03
N PHE A 107 -2.90 12.87 -3.08
CA PHE A 107 -2.34 13.46 -1.88
C PHE A 107 -2.57 14.95 -1.71
N ALA A 108 -3.05 15.68 -2.73
CA ALA A 108 -3.09 17.12 -2.68
C ALA A 108 -4.50 17.63 -2.96
N LEU A 109 -4.72 18.91 -2.65
CA LEU A 109 -6.06 19.50 -2.71
C LEU A 109 -6.09 20.80 -3.51
N GLU A 110 -5.01 21.57 -3.49
CA GLU A 110 -4.99 22.86 -4.18
C GLU A 110 -3.64 23.08 -4.84
N THR A 111 -3.63 24.01 -5.80
CA THR A 111 -2.49 24.17 -6.71
C THR A 111 -1.25 24.64 -5.97
N GLN A 112 -1.37 25.66 -5.13
CA GLN A 112 -0.19 26.20 -4.46
C GLN A 112 0.46 25.20 -3.52
N PHE A 113 -0.20 24.08 -3.22
CA PHE A 113 0.36 23.02 -2.39
C PHE A 113 0.18 21.68 -3.10
N ASN A 114 0.78 21.55 -4.29
CA ASN A 114 0.65 20.36 -5.09
C ASN A 114 1.92 19.50 -5.10
N LEU A 115 2.74 19.64 -4.06
CA LEU A 115 3.70 18.61 -3.64
C LEU A 115 4.95 18.51 -4.50
N VAL A 116 4.81 18.34 -5.81
CA VAL A 116 5.93 17.95 -6.66
C VAL A 116 5.93 18.77 -7.95
N HIS A 117 7.07 18.74 -8.62
CA HIS A 117 7.24 19.32 -9.94
C HIS A 117 8.16 18.43 -10.77
N GLY A 118 7.81 18.26 -12.04
CA GLY A 118 8.69 17.59 -12.99
C GLY A 118 8.85 18.43 -14.23
N SER A 119 10.06 18.38 -14.80
CA SER A 119 10.35 19.12 -16.01
C SER A 119 9.27 18.83 -17.06
N ASP A 120 8.80 19.89 -17.72
CA ASP A 120 7.67 19.78 -18.64
C ASP A 120 8.08 19.45 -20.07
N SER A 121 9.37 19.38 -20.36
CA SER A 121 9.80 19.11 -21.73
C SER A 121 11.28 18.77 -21.72
N ALA A 122 11.77 18.33 -22.88
CA ALA A 122 13.19 18.01 -23.02
C ALA A 122 14.06 19.25 -22.78
N GLU A 123 13.67 20.39 -23.38
CA GLU A 123 14.45 21.60 -23.18
C GLU A 123 14.45 22.03 -21.72
N SER A 124 13.29 21.97 -21.06
CA SER A 124 13.24 22.32 -19.64
C SER A 124 14.04 21.33 -18.80
N ALA A 125 13.98 20.04 -19.14
CA ALA A 125 14.76 19.05 -18.41
C ALA A 125 16.24 19.41 -18.43
N GLN A 126 16.77 19.70 -19.62
CA GLN A 126 18.18 20.07 -19.72
C GLN A 126 18.48 21.36 -18.95
N ARG A 127 17.59 22.34 -19.05
CA ARG A 127 17.81 23.61 -18.35
C ARG A 127 17.81 23.40 -16.83
N GLU A 128 16.85 22.64 -16.32
CA GLU A 128 16.69 22.50 -14.88
C GLU A 128 17.76 21.60 -14.29
N ILE A 129 18.14 20.54 -14.99
CA ILE A 129 19.24 19.69 -14.52
C ILE A 129 20.54 20.49 -14.45
N ALA A 130 20.80 21.32 -15.48
CA ALA A 130 22.01 22.13 -15.47
C ALA A 130 22.00 23.11 -14.30
N LEU A 131 20.81 23.52 -13.86
CA LEU A 131 20.71 24.50 -12.79
C LEU A 131 20.79 23.85 -11.42
N TRP A 132 20.06 22.76 -11.20
CA TRP A 132 20.01 22.12 -9.90
C TRP A 132 21.18 21.18 -9.66
N PHE A 133 21.68 20.53 -10.70
CA PHE A 133 22.80 19.59 -10.59
C PHE A 133 23.83 19.89 -11.67
N PRO A 134 24.55 21.01 -11.55
CA PRO A 134 25.49 21.39 -12.62
C PRO A 134 26.55 20.35 -12.93
N GLY A 135 26.88 19.46 -11.99
CA GLY A 135 27.90 18.46 -12.23
C GLY A 135 27.41 17.18 -12.88
N ALA A 136 26.10 16.95 -12.89
CA ALA A 136 25.54 15.73 -13.45
C ALA A 136 25.60 15.73 -14.97
N THR B 2 14.67 15.32 21.37
CA THR B 2 15.05 15.01 20.00
C THR B 2 16.33 14.17 20.00
N GLU B 3 16.81 13.83 18.80
CA GLU B 3 17.94 12.93 18.65
C GLU B 3 18.21 12.67 17.17
N ARG B 4 19.47 12.41 16.82
CA ARG B 4 19.88 12.28 15.42
C ARG B 4 20.64 10.98 15.21
N THR B 5 20.43 10.38 14.03
CA THR B 5 21.17 9.20 13.64
C THR B 5 21.38 9.23 12.13
N LEU B 6 22.43 8.54 11.69
CA LEU B 6 22.76 8.48 10.27
C LEU B 6 22.33 7.14 9.69
N VAL B 7 21.70 7.17 8.52
CA VAL B 7 21.24 5.99 7.83
C VAL B 7 21.92 5.91 6.47
N LEU B 8 22.28 4.69 6.08
CA LEU B 8 22.83 4.42 4.75
C LEU B 8 21.96 3.36 4.10
N ILE B 9 21.43 3.67 2.91
CA ILE B 9 20.78 2.68 2.07
C ILE B 9 21.87 2.07 1.18
N LYS B 10 22.24 0.83 1.47
CA LYS B 10 23.38 0.19 0.83
C LYS B 10 23.13 0.01 -0.66
N PRO B 11 24.18 -0.29 -1.44
CA PRO B 11 23.99 -0.43 -2.89
C PRO B 11 22.96 -1.47 -3.27
N ASP B 12 22.84 -2.57 -2.53
CA ASP B 12 21.83 -3.57 -2.87
C ASP B 12 20.42 -3.02 -2.68
N GLY B 13 20.24 -2.09 -1.75
CA GLY B 13 18.95 -1.44 -1.59
C GLY B 13 18.61 -0.49 -2.73
N ILE B 14 19.64 0.16 -3.29
CA ILE B 14 19.41 1.02 -4.45
C ILE B 14 19.15 0.18 -5.69
N GLU B 15 19.93 -0.87 -5.89
CA GLU B 15 19.75 -1.73 -7.05
C GLU B 15 18.36 -2.33 -7.11
N ARG B 16 17.75 -2.60 -5.95
CA ARG B 16 16.44 -3.22 -5.87
C ARG B 16 15.29 -2.21 -5.79
N GLN B 17 15.56 -0.94 -6.06
CA GLN B 17 14.51 0.08 -6.14
C GLN B 17 13.73 0.20 -4.83
N LEU B 18 14.47 0.21 -3.71
CA LEU B 18 13.86 0.26 -2.39
C LEU B 18 14.22 1.54 -1.63
N ILE B 19 14.63 2.60 -2.33
CA ILE B 19 14.93 3.85 -1.66
C ILE B 19 13.67 4.43 -1.02
N GLY B 20 12.61 4.60 -1.82
CA GLY B 20 11.39 5.18 -1.29
C GLY B 20 10.75 4.30 -0.23
N GLU B 21 10.77 2.98 -0.43
CA GLU B 21 10.21 2.06 0.55
C GLU B 21 10.90 2.20 1.89
N ILE B 22 12.23 2.29 1.89
CA ILE B 22 12.97 2.43 3.14
C ILE B 22 12.68 3.79 3.78
N ILE B 23 12.66 4.86 2.98
CA ILE B 23 12.39 6.18 3.52
C ILE B 23 10.95 6.26 4.01
N SER B 24 10.01 5.61 3.30
CA SER B 24 8.62 5.60 3.75
C SER B 24 8.49 5.02 5.15
N ARG B 25 9.17 3.90 5.40
CA ARG B 25 9.08 3.28 6.72
C ARG B 25 9.65 4.19 7.80
N ILE B 26 10.73 4.90 7.48
CA ILE B 26 11.30 5.86 8.42
C ILE B 26 10.29 6.97 8.71
N GLU B 27 9.69 7.53 7.66
CA GLU B 27 8.79 8.67 7.83
C GLU B 27 7.51 8.27 8.57
N ARG B 28 6.92 7.12 8.22
CA ARG B 28 5.69 6.72 8.89
C ARG B 28 5.92 6.39 10.35
N LYS B 29 7.16 6.02 10.71
CA LYS B 29 7.51 5.82 12.11
C LYS B 29 7.37 7.10 12.93
N GLY B 30 7.34 8.26 12.27
CA GLY B 30 7.29 9.54 12.95
C GLY B 30 8.60 10.29 12.91
N LEU B 31 9.61 9.77 12.23
CA LEU B 31 10.91 10.43 12.12
C LEU B 31 10.96 11.31 10.86
N THR B 32 11.83 12.31 10.90
CA THR B 32 11.99 13.26 9.81
C THR B 32 13.35 13.08 9.16
N ILE B 33 13.39 13.28 7.85
CA ILE B 33 14.63 13.26 7.09
C ILE B 33 15.22 14.67 7.14
N ALA B 34 16.29 14.84 7.91
CA ALA B 34 16.95 16.13 8.03
C ALA B 34 17.96 16.39 6.92
N ALA B 35 18.52 15.32 6.36
CA ALA B 35 19.44 15.44 5.23
C ALA B 35 19.34 14.15 4.41
N LEU B 36 19.71 14.25 3.14
CA LEU B 36 19.51 13.15 2.21
C LEU B 36 20.35 13.41 0.97
N GLN B 37 21.11 12.40 0.52
CA GLN B 37 21.94 12.56 -0.66
C GLN B 37 22.35 11.19 -1.20
N LEU B 38 22.12 10.98 -2.50
CA LEU B 38 22.64 9.82 -3.20
C LEU B 38 24.12 10.07 -3.51
N ARG B 39 24.98 9.15 -3.06
CA ARG B 39 26.42 9.28 -3.20
C ARG B 39 26.98 8.10 -3.99
N THR B 40 28.20 8.28 -4.49
CA THR B 40 29.00 7.19 -5.02
C THR B 40 30.28 7.07 -4.20
N VAL B 41 30.75 5.84 -4.02
CA VAL B 41 31.95 5.57 -3.24
C VAL B 41 32.84 4.65 -4.05
N SER B 42 34.08 5.07 -4.29
CA SER B 42 35.02 4.27 -5.04
C SER B 42 35.68 3.23 -4.13
N ALA B 43 36.25 2.20 -4.77
CA ALA B 43 36.92 1.14 -4.03
C ALA B 43 38.22 1.67 -3.43
N GLU B 44 38.31 1.64 -2.10
CA GLU B 44 39.50 2.12 -1.39
C GLU B 44 40.36 0.91 -1.02
N LEU B 45 41.51 0.79 -1.64
CA LEU B 45 42.42 -0.32 -1.37
C LEU B 45 43.57 0.13 -0.47
N PRO B 57 41.89 0.47 8.88
CA PRO B 57 41.00 -0.56 9.42
C PRO B 57 39.54 -0.31 9.07
N PHE B 58 39.29 0.49 8.04
CA PHE B 58 37.96 0.86 7.59
C PHE B 58 37.17 1.65 8.63
N PHE B 59 37.78 2.00 9.75
CA PHE B 59 37.07 2.74 10.79
C PHE B 59 36.98 4.21 10.41
N GLY B 60 35.79 4.79 10.57
CA GLY B 60 35.58 6.19 10.26
C GLY B 60 35.74 6.52 8.79
N SER B 61 35.64 5.54 7.90
CA SER B 61 35.73 5.76 6.47
C SER B 61 34.37 5.50 5.82
N LEU B 62 34.21 6.01 4.60
CA LEU B 62 32.95 5.85 3.89
C LEU B 62 32.62 4.38 3.64
N LEU B 63 33.62 3.49 3.64
CA LEU B 63 33.40 2.07 3.42
C LEU B 63 33.36 1.27 4.72
N GLU B 64 33.17 1.95 5.86
CA GLU B 64 33.13 1.25 7.14
C GLU B 64 32.01 0.23 7.19
N PHE B 65 30.81 0.62 6.77
CA PHE B 65 29.63 -0.23 6.87
C PHE B 65 29.08 -0.68 5.52
N ILE B 66 29.74 -0.32 4.42
CA ILE B 66 29.25 -0.63 3.09
C ILE B 66 30.43 -1.11 2.24
N THR B 67 30.09 -1.65 1.07
CA THR B 67 31.07 -1.97 0.04
C THR B 67 31.03 -0.90 -1.05
N SER B 68 31.96 -1.03 -2.00
CA SER B 68 32.01 -0.07 -3.10
C SER B 68 30.71 -0.10 -3.89
N GLY B 69 30.14 1.08 -4.12
CA GLY B 69 28.91 1.20 -4.88
C GLY B 69 28.12 2.42 -4.47
N PRO B 70 27.04 2.70 -5.19
CA PRO B 70 26.19 3.85 -4.82
C PRO B 70 25.51 3.62 -3.49
N VAL B 71 25.23 4.73 -2.80
CA VAL B 71 24.68 4.70 -1.46
C VAL B 71 23.89 5.98 -1.24
N VAL B 72 22.79 5.87 -0.49
CA VAL B 72 22.00 7.03 -0.10
C VAL B 72 22.23 7.28 1.38
N ALA B 73 22.84 8.42 1.68
CA ALA B 73 23.05 8.85 3.06
C ALA B 73 21.89 9.74 3.49
N ALA B 74 21.50 9.62 4.75
CA ALA B 74 20.40 10.41 5.28
C ALA B 74 20.59 10.62 6.77
N ILE B 75 20.32 11.85 7.23
CA ILE B 75 20.21 12.15 8.65
C ILE B 75 18.75 12.03 9.05
N VAL B 76 18.47 11.13 9.98
CA VAL B 76 17.12 10.91 10.50
C VAL B 76 17.08 11.41 11.94
N GLU B 77 16.08 12.24 12.26
CA GLU B 77 15.97 12.79 13.60
C GLU B 77 14.54 12.67 14.11
N GLY B 78 14.43 12.71 15.42
CA GLY B 78 13.18 12.46 16.11
C GLY B 78 13.44 11.82 17.45
N THR B 79 12.36 11.66 18.22
CA THR B 79 12.47 11.02 19.52
C THR B 79 13.00 9.60 19.37
N ALA B 80 14.03 9.27 20.16
CA ALA B 80 14.62 7.93 20.18
C ALA B 80 15.02 7.48 18.78
N ALA B 81 15.53 8.42 17.98
CA ALA B 81 15.81 8.15 16.58
C ALA B 81 16.81 7.01 16.41
N ILE B 82 17.86 6.98 17.23
CA ILE B 82 18.89 5.95 17.06
C ILE B 82 18.29 4.56 17.24
N ALA B 83 17.58 4.35 18.36
CA ALA B 83 16.98 3.04 18.62
C ALA B 83 15.84 2.76 17.65
N ALA B 84 15.08 3.79 17.28
CA ALA B 84 13.97 3.59 16.36
C ALA B 84 14.46 3.06 15.01
N VAL B 85 15.55 3.63 14.49
CA VAL B 85 16.09 3.18 13.20
C VAL B 85 16.58 1.75 13.31
N ARG B 86 17.27 1.41 14.40
CA ARG B 86 17.75 0.05 14.57
C ARG B 86 16.59 -0.93 14.64
N GLN B 87 15.48 -0.52 15.26
CA GLN B 87 14.29 -1.35 15.31
C GLN B 87 13.70 -1.55 13.93
N LEU B 88 13.54 -0.46 13.16
CA LEU B 88 12.98 -0.57 11.83
C LEU B 88 13.86 -1.43 10.92
N ALA B 89 15.18 -1.36 11.09
CA ALA B 89 16.10 -2.06 10.20
C ALA B 89 16.10 -3.55 10.48
N GLY B 90 16.16 -3.94 11.74
CA GLY B 90 16.22 -5.33 12.12
C GLY B 90 17.63 -5.85 12.32
N GLY B 91 17.71 -7.05 12.88
CA GLY B 91 18.99 -7.67 13.16
C GLY B 91 19.79 -7.95 11.90
N THR B 92 21.07 -8.27 12.11
CA THR B 92 22.03 -8.36 11.01
C THR B 92 21.59 -9.38 9.96
N ASP B 93 21.41 -10.63 10.38
CA ASP B 93 20.97 -11.66 9.45
C ASP B 93 19.48 -11.49 9.17
N PRO B 94 19.08 -11.19 7.93
CA PRO B 94 17.66 -10.88 7.67
C PRO B 94 16.71 -12.06 7.83
N VAL B 95 17.20 -13.29 7.95
CA VAL B 95 16.35 -14.47 8.11
C VAL B 95 16.45 -15.05 9.51
N GLN B 96 17.68 -15.22 10.01
CA GLN B 96 17.89 -15.82 11.32
C GLN B 96 17.76 -14.81 12.46
N ALA B 97 17.97 -13.53 12.18
CA ALA B 97 18.00 -12.50 13.23
C ALA B 97 16.93 -11.45 13.08
N ALA B 98 16.69 -10.95 11.87
CA ALA B 98 15.77 -9.84 11.69
C ALA B 98 14.33 -10.31 11.88
N ALA B 99 13.57 -9.55 12.68
CA ALA B 99 12.18 -9.90 12.92
C ALA B 99 11.33 -9.55 11.69
N PRO B 100 10.23 -10.28 11.48
CA PRO B 100 9.25 -9.82 10.48
C PRO B 100 8.78 -8.42 10.80
N GLY B 101 8.39 -7.68 9.75
CA GLY B 101 8.00 -6.31 9.91
C GLY B 101 9.13 -5.30 9.82
N THR B 102 10.38 -5.76 9.87
CA THR B 102 11.53 -4.90 9.68
C THR B 102 11.92 -4.86 8.21
N ILE B 103 12.73 -3.86 7.86
CA ILE B 103 13.23 -3.75 6.50
C ILE B 103 13.95 -5.03 6.09
N ARG B 104 14.89 -5.48 6.92
CA ARG B 104 15.65 -6.68 6.60
C ARG B 104 14.78 -7.93 6.66
N GLY B 105 13.91 -8.02 7.67
CA GLY B 105 13.05 -9.18 7.78
C GLY B 105 12.07 -9.31 6.63
N ASP B 106 11.65 -8.17 6.06
CA ASP B 106 10.64 -8.19 5.01
C ASP B 106 11.24 -8.19 3.60
N PHE B 107 12.45 -7.67 3.42
CA PHE B 107 12.98 -7.43 2.08
C PHE B 107 14.30 -8.11 1.76
N ALA B 108 14.98 -8.73 2.72
CA ALA B 108 16.32 -9.25 2.50
C ALA B 108 16.40 -10.73 2.88
N LEU B 109 17.45 -11.39 2.37
CA LEU B 109 17.66 -12.81 2.56
C LEU B 109 19.00 -13.18 3.18
N GLU B 110 20.06 -12.41 2.94
CA GLU B 110 21.38 -12.76 3.44
C GLU B 110 22.09 -11.53 3.98
N THR B 111 23.01 -11.78 4.93
CA THR B 111 23.63 -10.69 5.68
C THR B 111 24.42 -9.75 4.76
N GLN B 112 25.16 -10.31 3.81
CA GLN B 112 25.97 -9.50 2.91
C GLN B 112 25.14 -8.44 2.21
N PHE B 113 23.85 -8.72 1.98
CA PHE B 113 22.97 -7.81 1.25
C PHE B 113 21.73 -7.52 2.09
N ASN B 114 21.94 -6.85 3.21
CA ASN B 114 20.85 -6.53 4.15
C ASN B 114 20.44 -5.06 4.07
N LEU B 115 20.66 -4.42 2.93
CA LEU B 115 19.93 -3.22 2.51
C LEU B 115 20.33 -1.93 3.20
N VAL B 116 20.35 -1.90 4.54
CA VAL B 116 20.45 -0.64 5.27
C VAL B 116 21.46 -0.74 6.40
N HIS B 117 21.87 0.43 6.88
CA HIS B 117 22.67 0.55 8.09
C HIS B 117 22.20 1.76 8.87
N GLY B 118 22.11 1.61 10.18
CA GLY B 118 21.85 2.74 11.06
C GLY B 118 22.85 2.77 12.20
N SER B 119 23.24 3.98 12.60
CA SER B 119 24.18 4.13 13.70
C SER B 119 23.70 3.36 14.92
N ASP B 120 24.63 2.73 15.63
CA ASP B 120 24.28 1.90 16.77
C ASP B 120 24.39 2.62 18.11
N SER B 121 24.89 3.85 18.13
CA SER B 121 25.00 4.60 19.37
C SER B 121 25.11 6.08 19.03
N ALA B 122 25.02 6.91 20.08
CA ALA B 122 25.12 8.35 19.88
C ALA B 122 26.50 8.75 19.37
N GLU B 123 27.56 8.16 19.93
CA GLU B 123 28.90 8.51 19.50
C GLU B 123 29.15 8.06 18.06
N SER B 124 28.60 6.91 17.66
CA SER B 124 28.68 6.50 16.26
C SER B 124 27.92 7.47 15.38
N ALA B 125 26.69 7.82 15.77
CA ALA B 125 25.89 8.76 14.99
C ALA B 125 26.62 10.09 14.84
N GLN B 126 27.25 10.58 15.90
CA GLN B 126 27.97 11.84 15.83
C GLN B 126 29.12 11.73 14.84
N ARG B 127 29.89 10.64 14.91
CA ARG B 127 31.03 10.46 14.00
C ARG B 127 30.55 10.32 12.56
N GLU B 128 29.56 9.44 12.33
CA GLU B 128 29.12 9.18 10.96
C GLU B 128 28.47 10.39 10.33
N ILE B 129 27.75 11.19 11.11
CA ILE B 129 27.06 12.36 10.54
C ILE B 129 28.09 13.38 10.05
N ALA B 130 29.14 13.62 10.83
CA ALA B 130 30.16 14.58 10.40
C ALA B 130 30.91 14.08 9.18
N LEU B 131 31.00 12.75 8.99
CA LEU B 131 31.68 12.19 7.84
C LEU B 131 30.86 12.40 6.57
N TRP B 132 29.63 11.90 6.56
CA TRP B 132 28.78 11.96 5.38
C TRP B 132 28.15 13.32 5.17
N PHE B 133 28.00 14.12 6.22
CA PHE B 133 27.34 15.43 6.13
C PHE B 133 28.16 16.44 6.92
N PRO B 134 29.31 16.86 6.40
CA PRO B 134 30.15 17.82 7.13
C PRO B 134 29.41 19.12 7.37
N GLY B 135 29.59 19.68 8.56
CA GLY B 135 28.94 20.91 8.96
C GLY B 135 27.57 20.72 9.57
N ALA B 136 26.87 19.64 9.26
CA ALA B 136 25.56 19.38 9.82
C ALA B 136 25.65 19.09 11.32
N THR C 2 -12.20 24.11 4.24
CA THR C 2 -13.09 25.21 3.93
C THR C 2 -14.48 24.72 3.54
N GLU C 3 -14.59 23.43 3.28
CA GLU C 3 -15.86 22.82 2.91
C GLU C 3 -16.08 21.54 3.72
N ARG C 4 -17.36 21.18 3.85
CA ARG C 4 -17.75 19.92 4.48
C ARG C 4 -18.67 19.16 3.53
N THR C 5 -18.50 17.84 3.49
CA THR C 5 -19.32 16.99 2.64
C THR C 5 -19.67 15.72 3.42
N LEU C 6 -20.78 15.09 3.03
CA LEU C 6 -21.21 13.85 3.65
C LEU C 6 -20.70 12.67 2.84
N VAL C 7 -20.12 11.69 3.52
CA VAL C 7 -19.61 10.47 2.90
C VAL C 7 -20.34 9.30 3.51
N LEU C 8 -20.88 8.43 2.66
CA LEU C 8 -21.52 7.19 3.08
C LEU C 8 -20.73 6.01 2.55
N ILE C 9 -20.34 5.11 3.46
CA ILE C 9 -19.86 3.78 3.08
C ILE C 9 -21.09 2.88 3.12
N LYS C 10 -21.56 2.49 1.94
CA LYS C 10 -22.81 1.75 1.84
C LYS C 10 -22.62 0.32 2.32
N PRO C 11 -23.70 -0.43 2.53
CA PRO C 11 -23.58 -1.74 3.19
C PRO C 11 -22.60 -2.68 2.51
N ASP C 12 -22.43 -2.60 1.19
CA ASP C 12 -21.47 -3.47 0.52
C ASP C 12 -20.04 -3.11 0.90
N GLY C 13 -19.77 -1.83 1.15
CA GLY C 13 -18.46 -1.43 1.65
C GLY C 13 -18.20 -1.94 3.04
N ILE C 14 -19.23 -2.03 3.87
CA ILE C 14 -19.08 -2.58 5.21
C ILE C 14 -18.94 -4.10 5.15
N GLU C 15 -19.76 -4.75 4.31
CA GLU C 15 -19.69 -6.21 4.19
C GLU C 15 -18.31 -6.65 3.73
N ARG C 16 -17.71 -5.92 2.80
CA ARG C 16 -16.39 -6.28 2.27
C ARG C 16 -15.24 -5.76 3.14
N GLN C 17 -15.54 -5.20 4.30
CA GLN C 17 -14.52 -4.76 5.25
C GLN C 17 -13.51 -3.82 4.59
N LEU C 18 -14.03 -2.76 3.98
CA LEU C 18 -13.21 -1.75 3.32
C LEU C 18 -13.29 -0.40 4.02
N ILE C 19 -13.74 -0.37 5.27
CA ILE C 19 -13.85 0.89 6.01
C ILE C 19 -12.49 1.57 6.09
N GLY C 20 -11.48 0.84 6.55
CA GLY C 20 -10.17 1.44 6.74
C GLY C 20 -9.55 1.89 5.44
N GLU C 21 -9.71 1.09 4.38
CA GLU C 21 -9.17 1.46 3.08
C GLU C 21 -9.78 2.77 2.58
N ILE C 22 -11.10 2.93 2.75
CA ILE C 22 -11.77 4.12 2.27
C ILE C 22 -11.34 5.34 3.07
N ILE C 23 -11.30 5.21 4.40
CA ILE C 23 -10.91 6.34 5.24
C ILE C 23 -9.45 6.72 4.97
N SER C 24 -8.59 5.73 4.73
CA SER C 24 -7.19 6.02 4.43
C SER C 24 -7.07 6.92 3.20
N ARG C 25 -7.85 6.64 2.16
CA ARG C 25 -7.74 7.42 0.93
C ARG C 25 -8.22 8.85 1.14
N ILE C 26 -9.24 9.03 1.97
CA ILE C 26 -9.68 10.38 2.31
C ILE C 26 -8.60 11.10 3.12
N GLU C 27 -7.99 10.40 4.08
CA GLU C 27 -7.03 11.04 4.97
C GLU C 27 -5.76 11.44 4.22
N ARG C 28 -5.21 10.55 3.39
CA ARG C 28 -3.97 10.86 2.71
C ARG C 28 -4.16 11.97 1.67
N LYS C 29 -5.39 12.20 1.22
CA LYS C 29 -5.69 13.33 0.35
C LYS C 29 -5.51 14.67 1.04
N GLY C 30 -5.39 14.68 2.37
CA GLY C 30 -5.30 15.90 3.14
C GLY C 30 -6.58 16.29 3.84
N LEU C 31 -7.65 15.52 3.67
CA LEU C 31 -8.94 15.81 4.26
C LEU C 31 -9.03 15.23 5.67
N THR C 32 -9.89 15.83 6.49
CA THR C 32 -10.05 15.43 7.88
C THR C 32 -11.43 14.82 8.09
N ILE C 33 -11.49 13.89 9.06
CA ILE C 33 -12.75 13.28 9.47
C ILE C 33 -13.31 14.14 10.60
N ALA C 34 -14.38 14.87 10.31
CA ALA C 34 -15.03 15.69 11.32
C ALA C 34 -16.14 14.94 12.05
N ALA C 35 -16.71 13.91 11.44
CA ALA C 35 -17.70 13.08 12.09
C ALA C 35 -17.64 11.70 11.47
N LEU C 36 -17.98 10.68 12.28
CA LEU C 36 -17.85 9.29 11.86
C LEU C 36 -18.73 8.44 12.75
N GLN C 37 -19.57 7.61 12.15
CA GLN C 37 -20.41 6.70 12.94
C GLN C 37 -20.88 5.54 12.06
N LEU C 38 -20.68 4.33 12.56
CA LEU C 38 -21.34 3.15 11.99
C LEU C 38 -22.74 3.02 12.60
N ARG C 39 -23.74 2.86 11.75
CA ARG C 39 -25.12 2.86 12.18
C ARG C 39 -25.95 2.00 11.24
N THR C 40 -27.17 1.68 11.67
CA THR C 40 -28.17 1.08 10.81
C THR C 40 -29.15 2.15 10.37
N VAL C 41 -29.54 2.09 9.10
CA VAL C 41 -30.42 3.09 8.51
C VAL C 41 -31.87 2.68 8.76
N SER C 42 -32.64 3.59 9.33
CA SER C 42 -34.06 3.32 9.59
C SER C 42 -34.87 3.50 8.31
N ALA C 43 -36.07 2.91 8.32
CA ALA C 43 -36.99 3.08 7.21
C ALA C 43 -37.22 4.56 6.92
N GLU C 44 -37.47 5.34 7.96
CA GLU C 44 -37.68 6.78 7.79
C GLU C 44 -36.46 7.44 7.16
N LEU C 45 -35.26 7.15 7.70
CA LEU C 45 -34.05 7.78 7.17
C LEU C 45 -33.85 7.42 5.71
N ALA C 46 -34.14 6.18 5.32
CA ALA C 46 -33.98 5.76 3.93
C ALA C 46 -34.89 6.58 3.02
N SER C 47 -36.17 6.67 3.37
CA SER C 47 -37.10 7.43 2.54
C SER C 47 -36.74 8.91 2.51
N GLN C 48 -36.06 9.41 3.54
CA GLN C 48 -35.62 10.80 3.55
C GLN C 48 -34.39 11.00 2.68
N HIS C 49 -33.41 10.11 2.80
CA HIS C 49 -32.18 10.24 2.02
C HIS C 49 -32.45 10.13 0.53
N TYR C 50 -33.34 9.21 0.13
CA TYR C 50 -33.67 8.99 -1.27
C TYR C 50 -35.01 9.61 -1.66
N ALA C 51 -35.46 10.63 -0.93
CA ALA C 51 -36.76 11.23 -1.23
C ALA C 51 -36.80 11.79 -2.64
N GLU C 52 -35.66 12.23 -3.18
CA GLU C 52 -35.61 12.78 -4.52
C GLU C 52 -35.92 11.74 -5.60
N HIS C 53 -35.97 10.45 -5.24
CA HIS C 53 -36.26 9.38 -6.19
C HIS C 53 -37.65 8.79 -6.01
N GLU C 54 -38.48 9.40 -5.16
CA GLU C 54 -39.79 8.82 -4.87
C GLU C 54 -40.66 8.85 -6.13
N GLY C 55 -41.59 7.88 -6.19
CA GLY C 55 -42.46 7.71 -7.33
C GLY C 55 -41.86 6.86 -8.43
N LYS C 56 -40.53 6.83 -8.55
CA LYS C 56 -39.87 6.01 -9.55
C LYS C 56 -40.05 4.53 -9.22
N PRO C 57 -39.89 3.66 -10.21
CA PRO C 57 -40.06 2.21 -9.93
C PRO C 57 -38.96 1.65 -9.07
N PHE C 58 -37.70 2.05 -9.30
CA PHE C 58 -36.58 1.52 -8.54
C PHE C 58 -36.45 2.14 -7.15
N PHE C 59 -37.39 3.02 -6.76
CA PHE C 59 -37.33 3.63 -5.44
C PHE C 59 -37.36 2.57 -4.33
N GLY C 60 -38.06 1.45 -4.57
CA GLY C 60 -38.12 0.41 -3.56
C GLY C 60 -36.80 -0.31 -3.37
N SER C 61 -36.04 -0.49 -4.46
CA SER C 61 -34.76 -1.18 -4.36
C SER C 61 -33.75 -0.36 -3.58
N LEU C 62 -33.79 0.97 -3.71
CA LEU C 62 -32.86 1.81 -2.97
C LEU C 62 -33.10 1.70 -1.47
N LEU C 63 -34.36 1.73 -1.04
CA LEU C 63 -34.66 1.64 0.39
C LEU C 63 -34.25 0.29 0.95
N GLU C 64 -34.51 -0.79 0.21
CA GLU C 64 -34.20 -2.12 0.71
C GLU C 64 -32.70 -2.34 0.86
N PHE C 65 -31.91 -1.81 -0.09
CA PHE C 65 -30.47 -2.06 -0.04
C PHE C 65 -29.81 -1.27 1.09
N ILE C 66 -30.17 0.01 1.26
CA ILE C 66 -29.50 0.84 2.24
C ILE C 66 -29.88 0.46 3.67
N THR C 67 -30.98 -0.27 3.85
CA THR C 67 -31.36 -0.80 5.15
C THR C 67 -31.03 -2.27 5.31
N SER C 68 -30.38 -2.89 4.31
CA SER C 68 -30.05 -4.30 4.36
C SER C 68 -28.88 -4.60 5.28
N GLY C 69 -28.13 -3.60 5.71
CA GLY C 69 -27.00 -3.78 6.58
C GLY C 69 -26.46 -2.44 7.05
N PRO C 70 -25.58 -2.47 8.05
CA PRO C 70 -25.07 -1.21 8.60
C PRO C 70 -24.31 -0.41 7.54
N VAL C 71 -24.21 0.89 7.81
CA VAL C 71 -23.44 1.82 7.00
C VAL C 71 -22.52 2.60 7.91
N VAL C 72 -21.51 3.23 7.32
CA VAL C 72 -20.68 4.22 8.01
C VAL C 72 -20.95 5.57 7.35
N ALA C 73 -21.38 6.53 8.16
CA ALA C 73 -21.58 7.90 7.69
C ALA C 73 -20.47 8.77 8.25
N ALA C 74 -20.01 9.73 7.44
CA ALA C 74 -18.91 10.59 7.88
C ALA C 74 -19.09 11.97 7.29
N ILE C 75 -18.61 12.96 8.02
CA ILE C 75 -18.43 14.32 7.52
C ILE C 75 -16.94 14.50 7.24
N VAL C 76 -16.62 14.80 5.99
CA VAL C 76 -15.24 15.03 5.56
C VAL C 76 -15.06 16.51 5.32
N GLU C 77 -13.97 17.07 5.83
CA GLU C 77 -13.76 18.51 5.83
C GLU C 77 -12.37 18.86 5.31
N GLY C 78 -12.28 20.01 4.68
CA GLY C 78 -11.02 20.48 4.14
C GLY C 78 -11.23 21.28 2.87
N THR C 79 -10.11 21.76 2.32
CA THR C 79 -10.15 22.54 1.09
C THR C 79 -10.78 21.73 -0.04
N ALA C 80 -11.77 22.32 -0.70
CA ALA C 80 -12.41 21.69 -1.86
C ALA C 80 -12.93 20.30 -1.52
N ALA C 81 -13.37 20.11 -0.27
CA ALA C 81 -13.71 18.77 0.20
C ALA C 81 -14.76 18.10 -0.67
N ILE C 82 -15.75 18.88 -1.15
CA ILE C 82 -16.85 18.29 -1.92
C ILE C 82 -16.32 17.68 -3.21
N ALA C 83 -15.68 18.50 -4.04
CA ALA C 83 -15.14 18.00 -5.30
C ALA C 83 -14.05 16.97 -5.08
N ALA C 84 -13.29 17.09 -3.98
CA ALA C 84 -12.21 16.16 -3.73
C ALA C 84 -12.74 14.77 -3.39
N VAL C 85 -13.83 14.70 -2.62
CA VAL C 85 -14.41 13.40 -2.27
C VAL C 85 -14.99 12.74 -3.52
N ARG C 86 -15.70 13.49 -4.35
CA ARG C 86 -16.20 12.95 -5.60
C ARG C 86 -15.06 12.42 -6.47
N GLN C 87 -13.93 13.15 -6.49
CA GLN C 87 -12.75 12.69 -7.21
C GLN C 87 -12.27 11.34 -6.68
N LEU C 88 -12.18 11.23 -5.35
CA LEU C 88 -11.67 9.99 -4.75
C LEU C 88 -12.61 8.82 -5.02
N ALA C 89 -13.92 9.07 -5.00
CA ALA C 89 -14.89 7.98 -5.15
C ALA C 89 -14.96 7.49 -6.58
N GLY C 90 -14.94 8.41 -7.55
CA GLY C 90 -15.03 8.06 -8.95
C GLY C 90 -16.46 8.02 -9.46
N GLY C 91 -16.58 7.98 -10.77
CA GLY C 91 -17.88 7.98 -11.42
C GLY C 91 -18.77 6.83 -10.97
N THR C 92 -20.04 6.94 -11.36
CA THR C 92 -21.06 6.03 -10.85
C THR C 92 -20.74 4.58 -11.20
N ASP C 93 -20.66 4.26 -12.48
CA ASP C 93 -20.37 2.90 -12.88
C ASP C 93 -18.90 2.59 -12.59
N PRO C 94 -18.59 1.63 -11.71
CA PRO C 94 -17.18 1.42 -11.32
C PRO C 94 -16.27 1.04 -12.46
N VAL C 95 -16.78 0.47 -13.55
CA VAL C 95 -15.95 0.00 -14.66
C VAL C 95 -15.99 0.97 -15.83
N GLN C 96 -17.17 1.45 -16.19
CA GLN C 96 -17.34 2.27 -17.38
C GLN C 96 -17.10 3.75 -17.14
N ALA C 97 -17.24 4.22 -15.90
CA ALA C 97 -17.11 5.64 -15.59
C ALA C 97 -16.02 5.94 -14.57
N ALA C 98 -15.89 5.14 -13.52
CA ALA C 98 -14.91 5.41 -12.49
C ALA C 98 -13.50 5.27 -13.06
N ALA C 99 -12.65 6.25 -12.76
CA ALA C 99 -11.28 6.22 -13.25
C ALA C 99 -10.44 5.27 -12.40
N PRO C 100 -9.43 4.64 -13.00
CA PRO C 100 -8.45 3.92 -12.18
C PRO C 100 -7.87 4.82 -11.11
N GLY C 101 -7.66 4.25 -9.92
CA GLY C 101 -7.16 5.01 -8.79
C GLY C 101 -8.24 5.53 -7.86
N THR C 102 -9.50 5.50 -8.27
CA THR C 102 -10.59 5.88 -7.39
C THR C 102 -11.03 4.68 -6.55
N ILE C 103 -11.88 4.96 -5.56
CA ILE C 103 -12.40 3.89 -4.72
C ILE C 103 -13.21 2.91 -5.55
N ARG C 104 -14.11 3.42 -6.40
CA ARG C 104 -14.93 2.56 -7.23
C ARG C 104 -14.11 1.93 -8.34
N GLY C 105 -13.16 2.69 -8.92
CA GLY C 105 -12.35 2.14 -9.98
C GLY C 105 -11.45 1.00 -9.54
N ASP C 106 -11.00 1.03 -8.27
CA ASP C 106 -10.07 0.04 -7.77
C ASP C 106 -10.73 -1.11 -7.02
N PHE C 107 -11.98 -0.95 -6.56
CA PHE C 107 -12.58 -1.93 -5.67
C PHE C 107 -13.96 -2.44 -6.08
N ALA C 108 -14.61 -1.86 -7.08
CA ALA C 108 -16.00 -2.18 -7.37
C ALA C 108 -16.15 -2.56 -8.85
N LEU C 109 -17.26 -3.24 -9.14
CA LEU C 109 -17.55 -3.78 -10.46
C LEU C 109 -18.84 -3.26 -11.07
N GLU C 110 -19.89 -3.06 -10.27
CA GLU C 110 -21.18 -2.64 -10.80
C GLU C 110 -21.79 -1.55 -9.93
N THR C 111 -22.74 -0.82 -10.53
CA THR C 111 -23.25 0.40 -9.92
C THR C 111 -23.97 0.13 -8.61
N GLN C 112 -24.82 -0.89 -8.57
CA GLN C 112 -25.60 -1.15 -7.36
C GLN C 112 -24.72 -1.52 -6.18
N PHE C 113 -23.46 -1.90 -6.42
CA PHE C 113 -22.51 -2.21 -5.37
C PHE C 113 -21.23 -1.39 -5.58
N ASN C 114 -21.38 -0.06 -5.54
CA ASN C 114 -20.25 0.85 -5.76
C ASN C 114 -19.78 1.51 -4.46
N LEU C 115 -20.04 0.88 -3.32
CA LEU C 115 -19.26 1.06 -2.10
C LEU C 115 -19.50 2.37 -1.36
N VAL C 116 -19.43 3.52 -2.03
CA VAL C 116 -19.41 4.80 -1.36
C VAL C 116 -20.30 5.81 -2.07
N HIS C 117 -20.69 6.84 -1.32
CA HIS C 117 -21.40 8.00 -1.87
C HIS C 117 -20.84 9.26 -1.24
N GLY C 118 -20.71 10.30 -2.06
CA GLY C 118 -20.34 11.61 -1.57
C GLY C 118 -21.26 12.68 -2.11
N SER C 119 -21.54 13.68 -1.28
CA SER C 119 -22.40 14.78 -1.71
C SER C 119 -21.91 15.35 -3.04
N ASP C 120 -22.85 15.65 -3.93
CA ASP C 120 -22.52 16.07 -5.28
C ASP C 120 -22.47 17.58 -5.44
N SER C 121 -22.85 18.35 -4.43
CA SER C 121 -22.86 19.81 -4.54
C SER C 121 -22.88 20.40 -3.14
N ALA C 122 -22.69 21.72 -3.08
CA ALA C 122 -22.74 22.42 -1.80
C ALA C 122 -24.13 22.33 -1.19
N GLU C 123 -25.18 22.48 -2.00
CA GLU C 123 -26.54 22.33 -1.51
C GLU C 123 -26.78 20.93 -0.97
N SER C 124 -26.40 19.91 -1.75
CA SER C 124 -26.58 18.53 -1.30
C SER C 124 -25.79 18.26 -0.03
N ALA C 125 -24.58 18.79 0.07
CA ALA C 125 -23.78 18.60 1.28
C ALA C 125 -24.52 19.12 2.50
N GLN C 126 -25.05 20.35 2.42
CA GLN C 126 -25.80 20.91 3.53
C GLN C 126 -27.03 20.08 3.84
N ARG C 127 -27.76 19.65 2.81
CA ARG C 127 -28.98 18.88 3.02
C ARG C 127 -28.69 17.52 3.63
N GLU C 128 -27.63 16.84 3.15
CA GLU C 128 -27.35 15.49 3.62
C GLU C 128 -26.73 15.50 5.02
N ILE C 129 -25.89 16.50 5.32
CA ILE C 129 -25.32 16.61 6.66
C ILE C 129 -26.42 16.87 7.68
N ALA C 130 -27.36 17.75 7.35
CA ALA C 130 -28.45 18.04 8.28
C ALA C 130 -29.32 16.83 8.54
N LEU C 131 -29.37 15.90 7.58
CA LEU C 131 -30.19 14.70 7.73
C LEU C 131 -29.46 13.64 8.54
N TRP C 132 -28.20 13.36 8.19
CA TRP C 132 -27.46 12.28 8.84
C TRP C 132 -26.83 12.71 10.16
N PHE C 133 -26.41 13.97 10.28
CA PHE C 133 -25.76 14.49 11.48
C PHE C 133 -26.44 15.78 11.91
N PRO C 134 -27.66 15.67 12.48
CA PRO C 134 -28.40 16.88 12.86
C PRO C 134 -27.61 17.86 13.73
N GLY C 135 -26.80 17.36 14.67
CA GLY C 135 -26.10 18.24 15.59
C GLY C 135 -24.85 18.89 15.02
N ALA C 136 -24.34 18.38 13.91
CA ALA C 136 -23.10 18.89 13.33
C ALA C 136 -23.29 20.31 12.80
N THR D 2 -17.16 -14.01 17.45
CA THR D 2 -17.09 -14.58 18.79
C THR D 2 -16.87 -13.47 19.83
N GLU D 3 -15.61 -13.20 20.16
CA GLU D 3 -15.29 -12.23 21.18
C GLU D 3 -15.50 -10.80 20.65
N ARG D 4 -15.52 -9.86 21.59
CA ARG D 4 -15.56 -8.44 21.27
C ARG D 4 -14.57 -7.73 22.16
N THR D 5 -13.92 -6.69 21.62
CA THR D 5 -13.03 -5.86 22.40
C THR D 5 -13.26 -4.40 22.01
N LEU D 6 -12.82 -3.51 22.87
CA LEU D 6 -12.93 -2.07 22.60
C LEU D 6 -11.59 -1.53 22.15
N VAL D 7 -11.59 -0.82 21.03
CA VAL D 7 -10.42 -0.15 20.51
C VAL D 7 -10.66 1.35 20.57
N LEU D 8 -9.67 2.08 21.06
CA LEU D 8 -9.64 3.53 21.00
C LEU D 8 -8.46 3.96 20.14
N ILE D 9 -8.71 4.85 19.19
CA ILE D 9 -7.64 5.53 18.47
C ILE D 9 -7.44 6.87 19.17
N LYS D 10 -6.30 7.01 19.85
CA LYS D 10 -6.07 8.16 20.70
C LYS D 10 -5.98 9.43 19.86
N PRO D 11 -6.07 10.61 20.50
CA PRO D 11 -5.99 11.86 19.74
C PRO D 11 -4.75 11.96 18.85
N ASP D 12 -3.59 11.51 19.32
CA ASP D 12 -2.39 11.59 18.50
C ASP D 12 -2.52 10.76 17.23
N GLY D 13 -3.27 9.65 17.29
CA GLY D 13 -3.50 8.85 16.10
C GLY D 13 -4.38 9.54 15.08
N ILE D 14 -5.34 10.34 15.54
CA ILE D 14 -6.17 11.11 14.63
C ILE D 14 -5.37 12.25 14.01
N GLU D 15 -4.59 12.96 14.83
CA GLU D 15 -3.76 14.05 14.33
C GLU D 15 -2.87 13.59 13.20
N ARG D 16 -2.31 12.38 13.32
CA ARG D 16 -1.39 11.86 12.32
C ARG D 16 -2.11 11.15 11.18
N GLN D 17 -3.43 11.28 11.11
CA GLN D 17 -4.22 10.78 9.97
C GLN D 17 -3.99 9.28 9.77
N LEU D 18 -4.10 8.52 10.86
CA LEU D 18 -3.90 7.08 10.84
C LEU D 18 -5.17 6.31 11.20
N ILE D 19 -6.33 6.94 11.07
CA ILE D 19 -7.59 6.25 11.39
C ILE D 19 -7.81 5.09 10.42
N GLY D 20 -7.74 5.38 9.12
CA GLY D 20 -7.95 4.33 8.13
C GLY D 20 -6.88 3.24 8.20
N GLU D 21 -5.64 3.64 8.43
CA GLU D 21 -4.55 2.67 8.53
C GLU D 21 -4.78 1.71 9.69
N ILE D 22 -5.15 2.23 10.86
CA ILE D 22 -5.37 1.38 12.02
C ILE D 22 -6.58 0.48 11.79
N ILE D 23 -7.69 1.05 11.33
CA ILE D 23 -8.87 0.24 11.02
C ILE D 23 -8.53 -0.78 9.95
N SER D 24 -7.72 -0.40 8.97
CA SER D 24 -7.36 -1.32 7.90
C SER D 24 -6.60 -2.53 8.44
N ARG D 25 -5.74 -2.31 9.44
CA ARG D 25 -4.98 -3.43 10.00
C ARG D 25 -5.86 -4.35 10.83
N ILE D 26 -6.91 -3.82 11.44
CA ILE D 26 -7.85 -4.67 12.18
C ILE D 26 -8.66 -5.52 11.22
N GLU D 27 -9.15 -4.91 10.13
CA GLU D 27 -9.99 -5.64 9.19
C GLU D 27 -9.20 -6.71 8.45
N ARG D 28 -7.98 -6.41 8.02
CA ARG D 28 -7.21 -7.41 7.27
C ARG D 28 -6.77 -8.56 8.16
N LYS D 29 -6.75 -8.38 9.48
CA LYS D 29 -6.49 -9.46 10.41
C LYS D 29 -7.62 -10.48 10.43
N GLY D 30 -8.79 -10.15 9.87
CA GLY D 30 -9.96 -11.01 9.90
C GLY D 30 -11.03 -10.56 10.86
N LEU D 31 -10.82 -9.45 11.56
CA LEU D 31 -11.77 -8.92 12.52
C LEU D 31 -12.74 -7.95 11.82
N THR D 32 -13.90 -7.78 12.43
CA THR D 32 -14.94 -6.90 11.90
C THR D 32 -15.17 -5.73 12.84
N ILE D 33 -15.51 -4.58 12.26
CA ILE D 33 -15.87 -3.39 13.02
C ILE D 33 -17.38 -3.47 13.26
N ALA D 34 -17.78 -3.80 14.49
CA ALA D 34 -19.19 -3.92 14.83
C ALA D 34 -19.81 -2.59 15.25
N ALA D 35 -18.99 -1.65 15.72
CA ALA D 35 -19.45 -0.31 16.04
C ALA D 35 -18.26 0.63 15.88
N LEU D 36 -18.58 1.91 15.65
CA LEU D 36 -17.54 2.88 15.32
C LEU D 36 -18.08 4.30 15.51
N GLN D 37 -17.31 5.18 16.14
CA GLN D 37 -17.79 6.54 16.33
C GLN D 37 -16.62 7.45 16.70
N LEU D 38 -16.53 8.59 16.01
CA LEU D 38 -15.61 9.65 16.38
C LEU D 38 -16.19 10.43 17.55
N ARG D 39 -15.48 10.47 18.66
CA ARG D 39 -15.95 11.09 19.90
C ARG D 39 -15.07 12.26 20.28
N THR D 40 -15.65 13.19 21.04
CA THR D 40 -14.92 14.25 21.71
C THR D 40 -15.01 14.01 23.21
N VAL D 41 -13.86 14.05 23.89
CA VAL D 41 -13.78 13.78 25.31
C VAL D 41 -13.12 14.97 25.98
N SER D 42 -13.79 15.56 26.97
CA SER D 42 -13.26 16.70 27.69
C SER D 42 -12.46 16.23 28.91
N ALA D 43 -11.64 17.14 29.43
CA ALA D 43 -10.84 16.84 30.60
C ALA D 43 -11.66 17.01 31.87
N GLU D 44 -11.35 16.20 32.88
CA GLU D 44 -12.06 16.24 34.15
C GLU D 44 -11.47 17.29 35.08
N PRO D 57 -7.83 6.08 40.29
CA PRO D 57 -7.99 7.35 39.57
C PRO D 57 -8.33 7.15 38.09
N PHE D 58 -9.37 7.83 37.62
CA PHE D 58 -9.83 7.75 36.24
C PHE D 58 -10.30 6.36 35.84
N PHE D 59 -10.40 5.43 36.79
CA PHE D 59 -10.82 4.08 36.46
C PHE D 59 -12.29 4.06 36.07
N GLY D 60 -12.61 3.37 34.98
CA GLY D 60 -13.97 3.28 34.52
C GLY D 60 -14.52 4.52 33.84
N SER D 61 -13.69 5.53 33.62
CA SER D 61 -14.11 6.76 32.98
C SER D 61 -13.58 6.83 31.55
N LEU D 62 -14.13 7.78 30.79
CA LEU D 62 -13.69 7.96 29.41
C LEU D 62 -12.21 8.32 29.31
N LEU D 63 -11.64 8.89 30.36
CA LEU D 63 -10.24 9.31 30.36
C LEU D 63 -9.30 8.28 30.97
N GLU D 64 -9.75 7.03 31.09
CA GLU D 64 -8.91 6.01 31.73
C GLU D 64 -7.66 5.73 30.92
N PHE D 65 -7.80 5.56 29.60
CA PHE D 65 -6.67 5.22 28.73
C PHE D 65 -6.30 6.34 27.78
N ILE D 66 -6.93 7.51 27.89
CA ILE D 66 -6.66 8.63 26.99
C ILE D 66 -6.68 9.92 27.80
N THR D 67 -6.02 10.94 27.25
CA THR D 67 -6.18 12.30 27.71
C THR D 67 -7.27 12.98 26.90
N SER D 68 -7.75 14.12 27.43
CA SER D 68 -8.81 14.85 26.76
C SER D 68 -8.42 15.16 25.32
N GLY D 69 -9.35 14.91 24.40
CA GLY D 69 -9.12 15.14 22.99
C GLY D 69 -9.99 14.24 22.14
N PRO D 70 -9.97 14.46 20.83
CA PRO D 70 -10.76 13.60 19.94
C PRO D 70 -10.27 12.15 20.02
N VAL D 71 -11.21 11.22 19.83
CA VAL D 71 -10.90 9.80 19.90
C VAL D 71 -11.90 9.07 19.01
N VAL D 72 -11.43 7.98 18.41
CA VAL D 72 -12.29 7.08 17.64
C VAL D 72 -12.45 5.80 18.46
N ALA D 73 -13.68 5.51 18.86
CA ALA D 73 -14.01 4.30 19.60
C ALA D 73 -14.60 3.28 18.65
N ALA D 74 -14.26 2.01 18.85
CA ALA D 74 -14.75 0.95 17.99
C ALA D 74 -14.91 -0.33 18.79
N ILE D 75 -15.94 -1.10 18.46
CA ILE D 75 -16.07 -2.48 18.92
C ILE D 75 -15.53 -3.36 17.82
N VAL D 76 -14.54 -4.18 18.14
CA VAL D 76 -13.90 -5.09 17.19
C VAL D 76 -14.34 -6.50 17.53
N GLU D 77 -14.80 -7.24 16.53
CA GLU D 77 -15.43 -8.54 16.74
C GLU D 77 -14.75 -9.59 15.88
N GLY D 78 -14.66 -10.79 16.41
CA GLY D 78 -14.10 -11.92 15.68
C GLY D 78 -13.45 -12.91 16.64
N THR D 79 -12.97 -14.00 16.05
CA THR D 79 -12.25 -15.02 16.81
C THR D 79 -11.05 -14.39 17.52
N ALA D 80 -10.95 -14.64 18.83
CA ALA D 80 -9.81 -14.17 19.62
C ALA D 80 -9.59 -12.66 19.44
N ALA D 81 -10.69 -11.90 19.40
CA ALA D 81 -10.59 -10.48 19.08
C ALA D 81 -9.75 -9.73 20.12
N ILE D 82 -9.89 -10.09 21.40
CA ILE D 82 -9.17 -9.37 22.45
C ILE D 82 -7.67 -9.52 22.27
N ALA D 83 -7.19 -10.76 22.25
CA ALA D 83 -5.76 -11.01 22.10
C ALA D 83 -5.25 -10.56 20.74
N ALA D 84 -6.08 -10.71 19.69
CA ALA D 84 -5.66 -10.29 18.36
C ALA D 84 -5.38 -8.79 18.31
N VAL D 85 -6.25 -7.99 18.92
CA VAL D 85 -6.07 -6.53 18.86
C VAL D 85 -4.84 -6.11 19.65
N ARG D 86 -4.59 -6.76 20.80
CA ARG D 86 -3.38 -6.46 21.55
C ARG D 86 -2.15 -6.83 20.76
N GLN D 87 -2.22 -7.91 19.98
CA GLN D 87 -1.12 -8.29 19.10
C GLN D 87 -0.89 -7.23 18.04
N LEU D 88 -1.95 -6.78 17.38
CA LEU D 88 -1.82 -5.77 16.33
C LEU D 88 -1.28 -4.46 16.89
N ALA D 89 -1.66 -4.11 18.11
CA ALA D 89 -1.27 -2.84 18.68
C ALA D 89 0.18 -2.83 19.11
N GLY D 90 0.63 -3.89 19.78
CA GLY D 90 2.00 -3.99 20.24
C GLY D 90 2.19 -3.47 21.66
N GLY D 91 3.38 -3.72 22.18
CA GLY D 91 3.72 -3.32 23.54
C GLY D 91 3.62 -1.82 23.73
N THR D 92 3.65 -1.43 25.01
CA THR D 92 3.40 -0.05 25.39
C THR D 92 4.42 0.89 24.77
N ASP D 93 5.70 0.71 25.09
CA ASP D 93 6.75 1.56 24.53
C ASP D 93 6.95 1.23 23.06
N PRO D 94 6.67 2.16 22.12
CA PRO D 94 6.71 1.78 20.70
C PRO D 94 8.08 1.36 20.19
N VAL D 95 9.17 1.76 20.84
CA VAL D 95 10.51 1.41 20.38
C VAL D 95 11.10 0.27 21.20
N GLN D 96 10.92 0.31 22.52
CA GLN D 96 11.54 -0.69 23.40
C GLN D 96 10.70 -1.93 23.60
N ALA D 97 9.39 -1.86 23.39
CA ALA D 97 8.50 -2.99 23.64
C ALA D 97 7.70 -3.43 22.43
N ALA D 98 7.18 -2.49 21.64
CA ALA D 98 6.37 -2.87 20.50
C ALA D 98 7.21 -3.55 19.43
N ALA D 99 6.69 -4.63 18.88
CA ALA D 99 7.42 -5.37 17.86
C ALA D 99 7.26 -4.69 16.51
N PRO D 100 8.25 -4.83 15.62
CA PRO D 100 8.06 -4.38 14.24
C PRO D 100 6.85 -5.06 13.63
N GLY D 101 6.15 -4.33 12.77
CA GLY D 101 4.94 -4.83 12.15
C GLY D 101 3.68 -4.56 12.93
N THR D 102 3.79 -4.09 14.17
CA THR D 102 2.63 -3.64 14.93
C THR D 102 2.35 -2.17 14.64
N ILE D 103 1.19 -1.70 15.10
CA ILE D 103 0.83 -0.31 14.90
C ILE D 103 1.82 0.61 15.59
N ARG D 104 2.13 0.32 16.85
CA ARG D 104 3.06 1.15 17.60
C ARG D 104 4.49 0.97 17.10
N GLY D 105 4.87 -0.27 16.78
CA GLY D 105 6.22 -0.53 16.29
C GLY D 105 6.49 0.09 14.93
N ASP D 106 5.44 0.23 14.11
CA ASP D 106 5.61 0.80 12.77
C ASP D 106 5.36 2.30 12.72
N PHE D 107 4.56 2.85 13.65
CA PHE D 107 4.08 4.22 13.51
C PHE D 107 4.37 5.14 14.68
N ALA D 108 4.85 4.65 15.83
CA ALA D 108 4.98 5.46 17.02
C ALA D 108 6.41 5.40 17.56
N LEU D 109 6.73 6.39 18.40
CA LEU D 109 8.08 6.55 18.94
C LEU D 109 8.15 6.52 20.46
N GLU D 110 7.14 7.01 21.17
CA GLU D 110 7.18 7.08 22.62
C GLU D 110 5.82 6.72 23.21
N THR D 111 5.84 6.24 24.46
CA THR D 111 4.63 5.76 25.09
C THR D 111 3.58 6.86 25.19
N GLN D 112 4.02 8.10 25.44
CA GLN D 112 3.07 9.21 25.56
C GLN D 112 2.17 9.34 24.35
N PHE D 113 2.65 8.95 23.17
CA PHE D 113 1.91 9.08 21.92
C PHE D 113 1.95 7.76 21.15
N ASN D 114 1.36 6.72 21.72
CA ASN D 114 1.35 5.40 21.10
C ASN D 114 0.03 5.07 20.40
N LEU D 115 -0.76 6.10 20.06
CA LEU D 115 -1.72 6.02 18.96
C LEU D 115 -3.02 5.30 19.27
N VAL D 116 -2.96 4.16 19.97
CA VAL D 116 -4.09 3.24 20.02
C VAL D 116 -4.15 2.57 21.38
N HIS D 117 -5.35 2.11 21.75
CA HIS D 117 -5.54 1.31 22.94
C HIS D 117 -6.56 0.21 22.66
N GLY D 118 -6.27 -0.98 23.14
CA GLY D 118 -7.22 -2.07 23.10
C GLY D 118 -7.36 -2.69 24.47
N SER D 119 -8.57 -3.18 24.76
CA SER D 119 -8.85 -3.79 26.04
C SER D 119 -7.86 -4.92 26.31
N ASP D 120 -7.40 -5.01 27.57
CA ASP D 120 -6.37 -5.96 27.95
C ASP D 120 -6.92 -7.27 28.52
N SER D 121 -8.24 -7.39 28.65
CA SER D 121 -8.83 -8.59 29.22
C SER D 121 -10.30 -8.66 28.84
N ALA D 122 -10.91 -9.80 29.12
CA ALA D 122 -12.33 -9.99 28.84
C ALA D 122 -13.19 -9.12 29.75
N GLU D 123 -12.78 -8.97 31.01
CA GLU D 123 -13.52 -8.10 31.92
C GLU D 123 -13.39 -6.64 31.50
N SER D 124 -12.19 -6.22 31.09
CA SER D 124 -12.00 -4.86 30.62
C SER D 124 -12.81 -4.60 29.35
N ALA D 125 -12.80 -5.57 28.43
CA ALA D 125 -13.59 -5.41 27.20
C ALA D 125 -15.07 -5.23 27.53
N GLN D 126 -15.62 -6.12 28.35
CA GLN D 126 -17.03 -6.01 28.73
C GLN D 126 -17.31 -4.67 29.38
N ARG D 127 -16.45 -4.25 30.30
CA ARG D 127 -16.63 -2.98 31.00
C ARG D 127 -16.46 -1.80 30.05
N GLU D 128 -15.39 -1.82 29.24
CA GLU D 128 -15.11 -0.68 28.36
C GLU D 128 -16.16 -0.55 27.27
N ILE D 129 -16.68 -1.67 26.76
CA ILE D 129 -17.70 -1.62 25.73
C ILE D 129 -18.99 -0.99 26.28
N ALA D 130 -19.37 -1.36 27.51
CA ALA D 130 -20.59 -0.82 28.09
C ALA D 130 -20.48 0.68 28.32
N LEU D 131 -19.26 1.19 28.53
CA LEU D 131 -19.06 2.61 28.76
C LEU D 131 -19.14 3.41 27.45
N TRP D 132 -18.40 2.96 26.43
CA TRP D 132 -18.31 3.73 25.19
C TRP D 132 -19.49 3.49 24.27
N PHE D 133 -20.13 2.32 24.34
CA PHE D 133 -21.26 1.97 23.48
C PHE D 133 -22.37 1.41 24.35
N PRO D 134 -23.11 2.27 25.05
CA PRO D 134 -24.15 1.77 25.96
C PRO D 134 -25.21 0.99 25.20
N GLY D 135 -25.65 -0.10 25.82
CA GLY D 135 -26.62 -1.00 25.21
C GLY D 135 -26.03 -2.00 24.24
N ALA D 136 -24.71 -2.03 24.07
CA ALA D 136 -24.08 -2.98 23.16
C ALA D 136 -23.66 -4.24 23.91
N THR E 2 -22.00 -12.25 -15.09
CA THR E 2 -20.71 -12.80 -14.72
C THR E 2 -19.97 -13.31 -15.96
N GLU E 3 -18.70 -12.97 -16.06
CA GLU E 3 -17.89 -13.26 -17.23
C GLU E 3 -16.58 -13.93 -16.81
N ARG E 4 -15.90 -14.49 -17.79
CA ARG E 4 -14.53 -14.98 -17.64
C ARG E 4 -13.65 -14.29 -18.66
N THR E 5 -12.42 -13.98 -18.26
CA THR E 5 -11.45 -13.36 -19.16
C THR E 5 -10.08 -13.97 -18.90
N LEU E 6 -9.22 -13.95 -19.92
CA LEU E 6 -7.86 -14.42 -19.79
C LEU E 6 -6.95 -13.26 -19.44
N VAL E 7 -6.12 -13.44 -18.42
CA VAL E 7 -5.08 -12.49 -18.05
C VAL E 7 -3.73 -13.18 -18.22
N LEU E 8 -2.80 -12.47 -18.86
CA LEU E 8 -1.42 -12.92 -19.00
C LEU E 8 -0.50 -11.92 -18.32
N ILE E 9 0.32 -12.40 -17.40
CA ILE E 9 1.42 -11.61 -16.85
C ILE E 9 2.63 -11.91 -17.73
N LYS E 10 3.04 -10.93 -18.52
CA LYS E 10 4.07 -11.13 -19.53
C LYS E 10 5.42 -11.41 -18.87
N PRO E 11 6.40 -11.87 -19.65
CA PRO E 11 7.70 -12.21 -19.04
C PRO E 11 8.34 -11.06 -18.26
N ASP E 12 8.20 -9.82 -18.74
CA ASP E 12 8.73 -8.70 -17.98
C ASP E 12 8.02 -8.52 -16.65
N GLY E 13 6.77 -8.99 -16.53
CA GLY E 13 6.07 -8.91 -15.26
C GLY E 13 6.61 -9.89 -14.24
N ILE E 14 7.02 -11.08 -14.69
CA ILE E 14 7.63 -12.05 -13.77
C ILE E 14 9.03 -11.58 -13.37
N GLU E 15 9.83 -11.16 -14.36
CA GLU E 15 11.18 -10.69 -14.06
C GLU E 15 11.18 -9.64 -12.96
N ARG E 16 10.29 -8.66 -13.06
CA ARG E 16 10.21 -7.59 -12.09
C ARG E 16 9.48 -7.98 -10.81
N GLN E 17 9.17 -9.26 -10.65
CA GLN E 17 8.55 -9.78 -9.42
C GLN E 17 7.29 -8.98 -9.06
N LEU E 18 6.39 -8.87 -10.04
CA LEU E 18 5.13 -8.16 -9.88
C LEU E 18 3.92 -9.09 -9.96
N ILE E 19 4.12 -10.41 -9.78
CA ILE E 19 3.01 -11.34 -9.84
C ILE E 19 1.99 -11.02 -8.75
N GLY E 20 2.44 -10.95 -7.50
CA GLY E 20 1.52 -10.72 -6.40
C GLY E 20 0.83 -9.37 -6.50
N GLU E 21 1.57 -8.33 -6.90
CA GLU E 21 0.98 -7.01 -7.04
C GLU E 21 -0.15 -7.02 -8.08
N ILE E 22 0.08 -7.67 -9.23
CA ILE E 22 -0.95 -7.71 -10.26
C ILE E 22 -2.16 -8.50 -9.79
N ILE E 23 -1.94 -9.64 -9.13
CA ILE E 23 -3.04 -10.45 -8.65
C ILE E 23 -3.79 -9.75 -7.53
N SER E 24 -3.06 -9.02 -6.66
CA SER E 24 -3.71 -8.26 -5.60
C SER E 24 -4.72 -7.27 -6.18
N ARG E 25 -4.33 -6.55 -7.23
CA ARG E 25 -5.23 -5.56 -7.82
C ARG E 25 -6.46 -6.23 -8.43
N ILE E 26 -6.29 -7.42 -9.00
CA ILE E 26 -7.43 -8.16 -9.53
C ILE E 26 -8.38 -8.55 -8.41
N GLU E 27 -7.83 -9.03 -7.29
CA GLU E 27 -8.67 -9.53 -6.20
C GLU E 27 -9.41 -8.38 -5.50
N ARG E 28 -8.72 -7.29 -5.19
CA ARG E 28 -9.37 -6.19 -4.50
C ARG E 28 -10.45 -5.53 -5.35
N LYS E 29 -10.35 -5.64 -6.67
CA LYS E 29 -11.40 -5.17 -7.57
C LYS E 29 -12.69 -5.96 -7.39
N GLY E 30 -12.67 -7.08 -6.68
CA GLY E 30 -13.83 -7.92 -6.51
C GLY E 30 -13.86 -9.14 -7.40
N LEU E 31 -12.81 -9.37 -8.19
CA LEU E 31 -12.76 -10.50 -9.10
C LEU E 31 -12.06 -11.69 -8.44
N THR E 32 -12.35 -12.88 -8.95
CA THR E 32 -11.81 -14.12 -8.42
C THR E 32 -10.87 -14.76 -9.44
N ILE E 33 -9.89 -15.50 -8.93
CA ILE E 33 -8.94 -16.22 -9.77
C ILE E 33 -9.46 -17.63 -9.95
N ALA E 34 -10.00 -17.91 -11.15
CA ALA E 34 -10.56 -19.22 -11.45
C ALA E 34 -9.51 -20.21 -11.95
N ALA E 35 -8.42 -19.71 -12.53
CA ALA E 35 -7.33 -20.55 -12.98
C ALA E 35 -6.05 -19.74 -12.93
N LEU E 36 -4.93 -20.42 -12.68
CA LEU E 36 -3.65 -19.76 -12.49
C LEU E 36 -2.54 -20.76 -12.77
N GLN E 37 -1.55 -20.36 -13.55
CA GLN E 37 -0.43 -21.24 -13.84
C GLN E 37 0.75 -20.45 -14.38
N LEU E 38 1.92 -20.63 -13.77
CA LEU E 38 3.17 -20.19 -14.36
C LEU E 38 3.65 -21.25 -15.35
N ARG E 39 3.97 -20.83 -16.57
CA ARG E 39 4.33 -21.76 -17.62
C ARG E 39 5.22 -21.05 -18.64
N THR E 40 5.91 -21.86 -19.44
CA THR E 40 6.70 -21.36 -20.56
C THR E 40 5.91 -21.51 -21.85
N VAL E 41 5.99 -20.51 -22.71
CA VAL E 41 5.23 -20.48 -23.95
C VAL E 41 6.08 -21.06 -25.07
N SER E 42 5.50 -21.97 -25.84
CA SER E 42 6.18 -22.58 -26.97
C SER E 42 5.92 -21.78 -28.25
N ALA E 43 6.68 -22.10 -29.30
CA ALA E 43 6.47 -21.47 -30.59
C ALA E 43 5.05 -21.70 -31.09
N GLU E 44 4.56 -22.94 -30.99
CA GLU E 44 3.22 -23.26 -31.45
C GLU E 44 2.18 -22.39 -30.76
N LEU E 45 2.22 -22.33 -29.44
CA LEU E 45 1.21 -21.58 -28.69
C LEU E 45 1.31 -20.08 -28.97
N ALA E 46 2.53 -19.57 -29.10
CA ALA E 46 2.70 -18.14 -29.36
C ALA E 46 2.13 -17.76 -30.72
N SER E 47 2.29 -18.63 -31.72
CA SER E 47 1.73 -18.35 -33.04
C SER E 47 0.21 -18.35 -33.01
N GLN E 48 -0.39 -19.17 -32.15
CA GLN E 48 -1.85 -19.21 -32.05
C GLN E 48 -2.39 -17.95 -31.38
N HIS E 49 -1.76 -17.54 -30.27
CA HIS E 49 -2.19 -16.33 -29.57
C HIS E 49 -2.06 -15.11 -30.46
N TYR E 50 -0.88 -14.94 -31.07
CA TYR E 50 -0.61 -13.80 -31.95
C TYR E 50 -0.96 -14.09 -33.40
N ALA E 51 -1.94 -14.96 -33.66
CA ALA E 51 -2.34 -15.27 -35.03
C ALA E 51 -2.99 -14.08 -35.73
N GLU E 52 -3.39 -13.05 -34.99
CA GLU E 52 -4.04 -11.88 -35.58
C GLU E 52 -3.06 -11.01 -36.36
N HIS E 53 -1.76 -11.25 -36.25
CA HIS E 53 -0.74 -10.42 -36.88
C HIS E 53 -0.07 -11.24 -37.98
N GLU E 54 -0.52 -11.04 -39.22
CA GLU E 54 0.04 -11.74 -40.36
C GLU E 54 1.17 -10.98 -41.05
N GLY E 55 1.25 -9.68 -40.85
CA GLY E 55 2.30 -8.86 -41.45
C GLY E 55 3.37 -8.46 -40.46
N LEU E 63 11.25 -15.47 -33.18
CA LEU E 63 11.44 -14.02 -33.07
C LEU E 63 10.27 -13.37 -32.35
N GLU E 64 10.01 -13.83 -31.12
CA GLU E 64 8.91 -13.31 -30.32
C GLU E 64 9.38 -13.08 -28.89
N PHE E 65 8.83 -12.02 -28.28
CA PHE E 65 9.13 -11.70 -26.89
C PHE E 65 8.40 -12.60 -25.91
N ILE E 66 7.30 -13.23 -26.33
CA ILE E 66 6.51 -14.04 -25.42
C ILE E 66 7.19 -15.37 -25.09
N THR E 67 8.18 -15.77 -25.88
CA THR E 67 8.88 -17.03 -25.69
C THR E 67 10.23 -16.87 -25.00
N SER E 68 10.58 -15.67 -24.56
CA SER E 68 11.88 -15.45 -23.93
C SER E 68 11.91 -16.02 -22.52
N GLY E 69 10.89 -15.71 -21.72
CA GLY E 69 10.81 -16.20 -20.36
C GLY E 69 9.45 -16.75 -20.03
N PRO E 70 9.27 -17.24 -18.80
CA PRO E 70 7.96 -17.77 -18.41
C PRO E 70 6.92 -16.68 -18.28
N VAL E 71 5.65 -17.12 -18.30
CA VAL E 71 4.52 -16.23 -18.12
C VAL E 71 3.57 -16.86 -17.11
N VAL E 72 2.71 -16.03 -16.54
CA VAL E 72 1.62 -16.48 -15.68
C VAL E 72 0.31 -16.23 -16.41
N ALA E 73 -0.41 -17.30 -16.70
CA ALA E 73 -1.73 -17.21 -17.32
C ALA E 73 -2.79 -17.43 -16.26
N ALA E 74 -3.90 -16.71 -16.37
CA ALA E 74 -4.94 -16.77 -15.36
C ALA E 74 -6.30 -16.50 -15.99
N ILE E 75 -7.31 -17.22 -15.50
CA ILE E 75 -8.71 -16.92 -15.79
C ILE E 75 -9.24 -16.09 -14.63
N VAL E 76 -9.77 -14.91 -14.95
CA VAL E 76 -10.34 -14.00 -13.96
C VAL E 76 -11.83 -13.95 -14.19
N GLU E 77 -12.60 -14.12 -13.12
CA GLU E 77 -14.04 -14.30 -13.21
C GLU E 77 -14.75 -13.29 -12.32
N GLY E 78 -15.96 -12.92 -12.73
CA GLY E 78 -16.77 -11.99 -11.96
C GLY E 78 -17.57 -11.03 -12.83
N THR E 79 -18.38 -10.19 -12.18
CA THR E 79 -19.22 -9.25 -12.91
C THR E 79 -18.36 -8.33 -13.77
N ALA E 80 -18.68 -8.27 -15.06
CA ALA E 80 -17.98 -7.39 -16.00
C ALA E 80 -16.48 -7.62 -15.95
N ALA E 81 -16.07 -8.88 -15.79
CA ALA E 81 -14.65 -9.19 -15.62
C ALA E 81 -13.83 -8.71 -16.80
N ILE E 82 -14.35 -8.83 -18.02
CA ILE E 82 -13.57 -8.48 -19.21
C ILE E 82 -13.24 -7.00 -19.21
N ALA E 83 -14.26 -6.15 -19.08
CA ALA E 83 -14.03 -4.71 -19.05
C ALA E 83 -13.24 -4.31 -17.81
N ALA E 84 -13.49 -4.97 -16.68
CA ALA E 84 -12.80 -4.62 -15.45
C ALA E 84 -11.30 -4.87 -15.56
N VAL E 85 -10.93 -5.99 -16.19
CA VAL E 85 -9.51 -6.30 -16.35
C VAL E 85 -8.83 -5.29 -17.26
N ARG E 86 -9.47 -4.97 -18.40
CA ARG E 86 -8.92 -3.94 -19.28
C ARG E 86 -8.74 -2.62 -18.53
N GLN E 87 -9.75 -2.25 -17.72
CA GLN E 87 -9.63 -1.05 -16.89
C GLN E 87 -8.43 -1.14 -15.96
N LEU E 88 -8.23 -2.30 -15.33
CA LEU E 88 -7.13 -2.47 -14.39
C LEU E 88 -5.78 -2.40 -15.10
N ALA E 89 -5.70 -2.98 -16.30
CA ALA E 89 -4.43 -3.02 -17.03
C ALA E 89 -4.06 -1.64 -17.57
N GLY E 90 -5.00 -0.98 -18.22
CA GLY E 90 -4.76 0.33 -18.80
C GLY E 90 -4.41 0.25 -20.28
N GLY E 91 -4.37 1.43 -20.89
CA GLY E 91 -4.06 1.52 -22.31
C GLY E 91 -2.71 0.92 -22.65
N THR E 92 -2.53 0.67 -23.96
CA THR E 92 -1.36 -0.06 -24.43
C THR E 92 -0.07 0.66 -24.05
N ASP E 93 0.05 1.93 -24.40
CA ASP E 93 1.27 2.68 -24.10
C ASP E 93 1.24 3.10 -22.63
N PRO E 94 2.13 2.58 -21.79
CA PRO E 94 2.00 2.83 -20.34
C PRO E 94 2.11 4.30 -19.95
N VAL E 95 2.67 5.16 -20.81
CA VAL E 95 2.85 6.56 -20.49
C VAL E 95 1.89 7.45 -21.27
N GLN E 96 1.64 7.13 -22.54
CA GLN E 96 0.81 7.98 -23.38
C GLN E 96 -0.66 7.60 -23.36
N ALA E 97 -0.99 6.36 -23.02
CA ALA E 97 -2.37 5.89 -23.04
C ALA E 97 -2.85 5.38 -21.69
N ALA E 98 -2.02 4.64 -20.95
CA ALA E 98 -2.46 4.06 -19.69
C ALA E 98 -2.74 5.15 -18.67
N ALA E 99 -3.89 5.07 -18.02
CA ALA E 99 -4.24 6.04 -16.99
C ALA E 99 -3.45 5.77 -15.71
N PRO E 100 -3.13 6.82 -14.95
CA PRO E 100 -2.57 6.60 -13.62
C PRO E 100 -3.50 5.73 -12.79
N GLY E 101 -2.90 4.94 -11.89
CA GLY E 101 -3.66 4.01 -11.09
C GLY E 101 -3.87 2.65 -11.74
N THR E 102 -3.55 2.49 -13.01
CA THR E 102 -3.60 1.21 -13.67
C THR E 102 -2.27 0.47 -13.49
N ILE E 103 -2.26 -0.80 -13.88
CA ILE E 103 -1.04 -1.60 -13.80
C ILE E 103 0.05 -0.99 -14.67
N ARG E 104 -0.29 -0.69 -15.92
CA ARG E 104 0.69 -0.13 -16.85
C ARG E 104 1.04 1.31 -16.47
N GLY E 105 0.04 2.13 -16.14
CA GLY E 105 0.30 3.51 -15.78
C GLY E 105 1.15 3.64 -14.53
N ASP E 106 1.08 2.66 -13.62
CA ASP E 106 1.81 2.72 -12.37
C ASP E 106 3.15 2.01 -12.42
N PHE E 107 3.33 1.04 -13.32
CA PHE E 107 4.49 0.16 -13.26
C PHE E 107 5.31 0.05 -14.53
N ALA E 108 4.82 0.55 -15.67
CA ALA E 108 5.50 0.34 -16.95
C ALA E 108 5.82 1.67 -17.61
N LEU E 109 6.62 1.59 -18.70
CA LEU E 109 7.15 2.79 -19.35
C LEU E 109 6.93 2.79 -20.86
N GLU E 110 6.99 1.62 -21.50
CA GLU E 110 6.85 1.54 -22.95
C GLU E 110 6.01 0.34 -23.34
N THR E 111 5.41 0.43 -24.54
CA THR E 111 4.51 -0.62 -25.02
C THR E 111 5.21 -1.96 -25.06
N GLN E 112 6.51 -1.97 -25.40
CA GLN E 112 7.24 -3.22 -25.54
C GLN E 112 7.20 -4.05 -24.26
N PHE E 113 7.19 -3.39 -23.10
CA PHE E 113 7.23 -4.07 -21.80
C PHE E 113 6.11 -3.51 -20.92
N ASN E 114 4.85 -3.77 -21.31
CA ASN E 114 3.70 -3.28 -20.55
C ASN E 114 3.09 -4.36 -19.67
N LEU E 115 3.87 -5.36 -19.28
CA LEU E 115 3.61 -6.17 -18.10
C LEU E 115 2.49 -7.21 -18.24
N VAL E 116 1.33 -6.82 -18.76
CA VAL E 116 0.13 -7.63 -18.63
C VAL E 116 -0.72 -7.51 -19.89
N HIS E 117 -1.61 -8.50 -20.06
CA HIS E 117 -2.57 -8.51 -21.15
C HIS E 117 -3.92 -9.00 -20.63
N GLY E 118 -4.98 -8.43 -21.16
CA GLY E 118 -6.32 -8.88 -20.85
C GLY E 118 -7.16 -8.96 -22.12
N SER E 119 -8.01 -9.98 -22.18
CA SER E 119 -8.90 -10.13 -23.34
C SER E 119 -9.69 -8.85 -23.56
N ASP E 120 -9.74 -8.40 -24.81
CA ASP E 120 -10.36 -7.12 -25.14
C ASP E 120 -11.85 -7.24 -25.46
N SER E 121 -12.40 -8.44 -25.47
CA SER E 121 -13.81 -8.62 -25.83
C SER E 121 -14.27 -9.98 -25.36
N ALA E 122 -15.59 -10.17 -25.37
CA ALA E 122 -16.15 -11.47 -25.01
C ALA E 122 -15.71 -12.55 -26.00
N GLU E 123 -15.65 -12.22 -27.29
CA GLU E 123 -15.23 -13.19 -28.29
C GLU E 123 -13.79 -13.61 -28.08
N SER E 124 -12.89 -12.63 -27.91
CA SER E 124 -11.48 -12.95 -27.71
C SER E 124 -11.24 -13.63 -26.37
N ALA E 125 -12.07 -13.34 -25.37
CA ALA E 125 -11.96 -14.04 -24.09
C ALA E 125 -12.18 -15.53 -24.27
N GLN E 126 -13.21 -15.91 -25.03
CA GLN E 126 -13.49 -17.32 -25.24
C GLN E 126 -12.40 -17.98 -26.07
N ARG E 127 -11.89 -17.30 -27.09
CA ARG E 127 -10.84 -17.87 -27.92
C ARG E 127 -9.53 -17.98 -27.15
N GLU E 128 -9.21 -16.98 -26.34
CA GLU E 128 -7.97 -17.01 -25.58
C GLU E 128 -8.02 -18.03 -24.46
N ILE E 129 -9.17 -18.14 -23.77
CA ILE E 129 -9.32 -19.14 -22.73
C ILE E 129 -9.21 -20.55 -23.33
N ALA E 130 -9.93 -20.78 -24.42
CA ALA E 130 -9.88 -22.07 -25.09
C ALA E 130 -8.46 -22.41 -25.52
N LEU E 131 -7.63 -21.41 -25.76
CA LEU E 131 -6.27 -21.64 -26.24
C LEU E 131 -5.32 -21.93 -25.07
N TRP E 132 -5.39 -21.11 -24.02
CA TRP E 132 -4.47 -21.22 -22.90
C TRP E 132 -4.92 -22.20 -21.84
N PHE E 133 -6.23 -22.40 -21.67
CA PHE E 133 -6.78 -23.29 -20.66
C PHE E 133 -7.84 -24.18 -21.29
N PRO E 134 -7.44 -25.07 -22.19
CA PRO E 134 -8.39 -26.08 -22.68
C PRO E 134 -8.90 -26.92 -21.54
N GLY E 135 -10.19 -27.24 -21.58
CA GLY E 135 -10.82 -27.96 -20.51
C GLY E 135 -11.25 -27.12 -19.33
N ALA E 136 -10.99 -25.81 -19.36
CA ALA E 136 -11.46 -24.92 -18.31
C ALA E 136 -12.87 -24.44 -18.64
N THR F 2 19.25 -21.07 -5.05
CA THR F 2 19.95 -21.90 -4.07
C THR F 2 19.01 -22.98 -3.52
N GLU F 3 18.15 -22.61 -2.58
CA GLU F 3 17.19 -23.54 -2.00
C GLU F 3 15.85 -23.43 -2.72
N ARG F 4 15.07 -24.50 -2.60
CA ARG F 4 13.69 -24.53 -3.06
C ARG F 4 12.80 -25.03 -1.94
N THR F 5 11.61 -24.43 -1.82
CA THR F 5 10.62 -24.87 -0.86
C THR F 5 9.25 -24.83 -1.52
N LEU F 6 8.35 -25.66 -1.02
CA LEU F 6 6.97 -25.69 -1.49
C LEU F 6 6.11 -24.87 -0.54
N VAL F 7 5.30 -23.97 -1.09
CA VAL F 7 4.36 -23.18 -0.31
C VAL F 7 2.97 -23.46 -0.82
N LEU F 8 2.03 -23.64 0.10
CA LEU F 8 0.62 -23.82 -0.22
C LEU F 8 -0.16 -22.66 0.36
N ILE F 9 -0.97 -22.02 -0.47
CA ILE F 9 -1.99 -21.09 0.01
C ILE F 9 -3.25 -21.92 0.25
N LYS F 10 -3.61 -22.06 1.53
CA LYS F 10 -4.68 -22.95 1.92
C LYS F 10 -6.04 -22.43 1.43
N PRO F 11 -7.08 -23.26 1.46
CA PRO F 11 -8.39 -22.81 0.98
C PRO F 11 -8.88 -21.51 1.62
N ASP F 12 -8.68 -21.34 2.93
CA ASP F 12 -9.09 -20.11 3.57
C ASP F 12 -8.35 -18.91 2.99
N GLY F 13 -7.08 -19.10 2.62
CA GLY F 13 -6.33 -18.02 2.00
C GLY F 13 -6.92 -17.59 0.67
N ILE F 14 -7.41 -18.56 -0.12
CA ILE F 14 -8.01 -18.24 -1.41
C ILE F 14 -9.37 -17.60 -1.21
N GLU F 15 -10.19 -18.18 -0.33
CA GLU F 15 -11.53 -17.67 -0.10
C GLU F 15 -11.51 -16.21 0.34
N ARG F 16 -10.42 -15.77 0.98
CA ARG F 16 -10.32 -14.41 1.48
C ARG F 16 -9.59 -13.46 0.54
N GLN F 17 -9.35 -13.88 -0.71
CA GLN F 17 -8.79 -13.00 -1.73
C GLN F 17 -7.40 -12.51 -1.34
N LEU F 18 -6.58 -13.41 -0.78
CA LEU F 18 -5.26 -13.06 -0.28
C LEU F 18 -4.14 -13.72 -1.09
N ILE F 19 -4.43 -14.15 -2.32
CA ILE F 19 -3.40 -14.82 -3.12
C ILE F 19 -2.27 -13.85 -3.46
N GLY F 20 -2.61 -12.69 -4.03
CA GLY F 20 -1.60 -11.74 -4.42
C GLY F 20 -0.82 -11.18 -3.24
N GLU F 21 -1.51 -10.88 -2.15
CA GLU F 21 -0.85 -10.35 -0.97
C GLU F 21 0.21 -11.32 -0.44
N ILE F 22 -0.08 -12.62 -0.47
CA ILE F 22 0.87 -13.61 0.02
C ILE F 22 2.05 -13.73 -0.95
N ILE F 23 1.77 -13.75 -2.25
CA ILE F 23 2.84 -13.82 -3.24
C ILE F 23 3.71 -12.57 -3.17
N SER F 24 3.09 -11.40 -2.96
CA SER F 24 3.85 -10.16 -2.91
C SER F 24 4.89 -10.20 -1.79
N ARG F 25 4.50 -10.70 -0.61
CA ARG F 25 5.45 -10.76 0.50
C ARG F 25 6.57 -11.74 0.22
N ILE F 26 6.29 -12.82 -0.52
CA ILE F 26 7.36 -13.72 -0.95
C ILE F 26 8.28 -13.02 -1.94
N GLU F 27 7.68 -12.26 -2.87
CA GLU F 27 8.47 -11.64 -3.94
C GLU F 27 9.34 -10.51 -3.40
N ARG F 28 8.79 -9.66 -2.53
CA ARG F 28 9.56 -8.54 -2.00
C ARG F 28 10.65 -8.99 -1.04
N LYS F 29 10.51 -10.19 -0.46
CA LYS F 29 11.56 -10.76 0.36
C LYS F 29 12.82 -11.04 -0.45
N GLY F 30 12.70 -11.09 -1.77
CA GLY F 30 13.82 -11.44 -2.64
C GLY F 30 13.72 -12.82 -3.24
N LEU F 31 12.68 -13.59 -2.90
CA LEU F 31 12.50 -14.93 -3.42
C LEU F 31 11.79 -14.88 -4.77
N THR F 32 12.00 -15.92 -5.57
CA THR F 32 11.43 -16.00 -6.90
C THR F 32 10.40 -17.12 -6.98
N ILE F 33 9.37 -16.90 -7.80
CA ILE F 33 8.31 -17.88 -8.02
C ILE F 33 8.75 -18.73 -9.20
N ALA F 34 9.22 -19.95 -8.91
CA ALA F 34 9.65 -20.87 -9.95
C ALA F 34 8.52 -21.70 -10.53
N ALA F 35 7.48 -21.95 -9.74
CA ALA F 35 6.31 -22.68 -10.20
C ALA F 35 5.09 -22.16 -9.44
N LEU F 36 3.93 -22.24 -10.09
CA LEU F 36 2.72 -21.65 -9.55
C LEU F 36 1.52 -22.28 -10.25
N GLN F 37 0.53 -22.71 -9.46
CA GLN F 37 -0.66 -23.31 -10.05
C GLN F 37 -1.78 -23.34 -9.02
N LEU F 38 -2.96 -22.88 -9.42
CA LEU F 38 -4.17 -23.06 -8.63
C LEU F 38 -4.70 -24.47 -8.82
N ARG F 39 -4.93 -25.18 -7.73
CA ARG F 39 -5.32 -26.58 -7.76
C ARG F 39 -6.61 -26.78 -6.97
N THR F 40 -7.30 -27.88 -7.27
CA THR F 40 -8.43 -28.35 -6.48
C THR F 40 -8.07 -29.73 -5.93
N VAL F 41 -8.12 -29.86 -4.61
CA VAL F 41 -7.83 -31.13 -3.94
C VAL F 41 -9.13 -31.67 -3.36
N SER F 42 -9.32 -32.98 -3.48
CA SER F 42 -10.56 -33.61 -3.11
C SER F 42 -10.43 -34.32 -1.76
N ALA F 43 -11.56 -34.83 -1.28
CA ALA F 43 -11.58 -35.58 -0.03
C ALA F 43 -11.13 -37.01 -0.26
N GLU F 44 -10.35 -37.54 0.68
CA GLU F 44 -9.74 -38.85 0.54
C GLU F 44 -8.87 -38.91 -0.70
N PRO F 57 -0.75 -41.67 8.21
CA PRO F 57 -2.11 -41.21 7.90
C PRO F 57 -2.18 -40.45 6.58
N PHE F 58 -1.87 -39.15 6.60
CA PHE F 58 -1.87 -38.32 5.41
C PHE F 58 -0.47 -37.93 4.97
N PHE F 59 0.54 -38.72 5.34
CA PHE F 59 1.91 -38.39 5.00
C PHE F 59 2.15 -38.60 3.51
N GLY F 60 2.69 -37.58 2.85
CA GLY F 60 3.05 -37.67 1.45
C GLY F 60 1.92 -37.52 0.47
N SER F 61 0.72 -37.19 0.94
CA SER F 61 -0.43 -37.01 0.06
C SER F 61 -0.72 -35.52 -0.12
N LEU F 62 -1.64 -35.23 -1.04
CA LEU F 62 -2.05 -33.85 -1.28
C LEU F 62 -2.76 -33.26 -0.07
N LEU F 63 -3.32 -34.09 0.81
CA LEU F 63 -4.06 -33.64 1.99
C LEU F 63 -3.19 -33.62 3.24
N GLU F 64 -1.87 -33.69 3.09
CA GLU F 64 -1.00 -33.78 4.26
C GLU F 64 -1.09 -32.53 5.11
N PHE F 65 -1.13 -31.36 4.49
CA PHE F 65 -1.09 -30.09 5.21
C PHE F 65 -2.33 -29.23 5.00
N ILE F 66 -3.37 -29.76 4.34
CA ILE F 66 -4.55 -28.98 4.02
C ILE F 66 -5.80 -29.84 4.16
N THR F 67 -6.94 -29.17 4.23
CA THR F 67 -8.23 -29.81 4.05
C THR F 67 -8.64 -29.70 2.58
N SER F 68 -9.50 -30.62 2.15
CA SER F 68 -9.96 -30.63 0.77
C SER F 68 -10.53 -29.26 0.39
N GLY F 69 -10.15 -28.78 -0.78
CA GLY F 69 -10.58 -27.49 -1.26
C GLY F 69 -9.59 -26.89 -2.23
N PRO F 70 -9.86 -25.66 -2.68
CA PRO F 70 -8.92 -25.00 -3.60
C PRO F 70 -7.64 -24.62 -2.87
N VAL F 71 -6.51 -24.74 -3.58
CA VAL F 71 -5.20 -24.44 -3.01
C VAL F 71 -4.31 -23.96 -4.14
N VAL F 72 -3.43 -23.01 -3.82
CA VAL F 72 -2.42 -22.53 -4.76
C VAL F 72 -1.08 -23.08 -4.31
N ALA F 73 -0.48 -23.92 -5.14
CA ALA F 73 0.85 -24.46 -4.89
C ALA F 73 1.87 -23.63 -5.65
N ALA F 74 3.06 -23.51 -5.06
CA ALA F 74 4.13 -22.74 -5.67
C ALA F 74 5.47 -23.25 -5.19
N ILE F 75 6.45 -23.27 -6.10
CA ILE F 75 7.84 -23.51 -5.75
C ILE F 75 8.51 -22.16 -5.55
N VAL F 76 8.99 -21.90 -4.34
CA VAL F 76 9.68 -20.66 -4.01
C VAL F 76 11.17 -20.95 -3.97
N GLU F 77 11.95 -20.12 -4.66
CA GLU F 77 13.37 -20.37 -4.86
C GLU F 77 14.18 -19.14 -4.45
N GLY F 78 15.34 -19.38 -3.87
CA GLY F 78 16.22 -18.30 -3.46
C GLY F 78 17.08 -18.73 -2.29
N THR F 79 17.99 -17.84 -1.91
CA THR F 79 18.88 -18.10 -0.79
C THR F 79 18.09 -18.29 0.49
N ALA F 80 18.30 -19.43 1.15
CA ALA F 80 17.64 -19.75 2.42
C ALA F 80 16.13 -19.71 2.28
N ALA F 81 15.62 -20.21 1.15
CA ALA F 81 14.21 -20.08 0.83
C ALA F 81 13.34 -20.80 1.87
N ILE F 82 13.77 -21.97 2.33
CA ILE F 82 12.95 -22.74 3.27
C ILE F 82 12.76 -21.96 4.57
N ALA F 83 13.87 -21.53 5.19
CA ALA F 83 13.78 -20.80 6.45
C ALA F 83 13.15 -19.43 6.26
N ALA F 84 13.35 -18.80 5.11
CA ALA F 84 12.80 -17.47 4.88
C ALA F 84 11.28 -17.53 4.69
N VAL F 85 10.80 -18.57 4.00
CA VAL F 85 9.35 -18.71 3.82
C VAL F 85 8.66 -18.91 5.16
N ARG F 86 9.23 -19.79 6.01
CA ARG F 86 8.65 -20.00 7.32
C ARG F 86 8.73 -18.73 8.16
N GLN F 87 9.78 -17.93 7.99
CA GLN F 87 9.84 -16.62 8.62
C GLN F 87 8.68 -15.75 8.16
N LEU F 88 8.48 -15.65 6.85
CA LEU F 88 7.39 -14.86 6.31
C LEU F 88 6.04 -15.35 6.81
N ALA F 89 5.87 -16.67 6.91
CA ALA F 89 4.57 -17.23 7.26
C ALA F 89 4.25 -16.99 8.73
N GLY F 90 5.19 -17.26 9.62
CA GLY F 90 5.01 -17.09 11.05
C GLY F 90 4.64 -18.39 11.74
N GLY F 91 4.63 -18.33 13.06
CA GLY F 91 4.27 -19.49 13.87
C GLY F 91 2.87 -20.00 13.55
N THR F 92 2.61 -21.21 14.05
CA THR F 92 1.38 -21.91 13.69
C THR F 92 0.14 -21.15 14.15
N ASP F 93 0.07 -20.81 15.44
CA ASP F 93 -1.09 -20.09 15.96
C ASP F 93 -1.00 -18.62 15.59
N PRO F 94 -1.91 -18.10 14.76
CA PRO F 94 -1.73 -16.72 14.27
C PRO F 94 -1.65 -15.67 15.36
N VAL F 95 -2.25 -15.89 16.52
CA VAL F 95 -2.26 -14.90 17.59
C VAL F 95 -1.27 -15.26 18.70
N GLN F 96 -1.17 -16.54 19.04
CA GLN F 96 -0.30 -16.94 20.14
C GLN F 96 1.16 -16.97 19.73
N ALA F 97 1.47 -17.51 18.55
CA ALA F 97 2.84 -17.76 18.14
C ALA F 97 3.34 -16.88 16.99
N ALA F 98 2.47 -16.52 16.05
CA ALA F 98 2.91 -15.81 14.87
C ALA F 98 3.28 -14.37 15.20
N ALA F 99 4.45 -13.94 14.75
CA ALA F 99 4.91 -12.59 15.04
C ALA F 99 4.15 -11.58 14.18
N PRO F 100 3.96 -10.37 14.68
CA PRO F 100 3.46 -9.30 13.80
C PRO F 100 4.40 -9.11 12.63
N GLY F 101 3.82 -8.75 11.48
CA GLY F 101 4.58 -8.61 10.26
C GLY F 101 4.64 -9.87 9.41
N THR F 102 4.22 -11.01 9.96
CA THR F 102 4.13 -12.25 9.20
C THR F 102 2.76 -12.35 8.53
N ILE F 103 2.65 -13.30 7.60
CA ILE F 103 1.36 -13.55 6.95
C ILE F 103 0.31 -13.91 7.99
N ARG F 104 0.62 -14.88 8.85
CA ARG F 104 -0.35 -15.32 9.85
C ARG F 104 -0.60 -14.25 10.90
N GLY F 105 0.45 -13.51 11.29
CA GLY F 105 0.28 -12.49 12.31
C GLY F 105 -0.52 -11.30 11.84
N ASP F 106 -0.44 -10.96 10.56
CA ASP F 106 -1.18 -9.81 10.03
C ASP F 106 -2.57 -10.18 9.53
N PHE F 107 -2.80 -11.44 9.14
CA PHE F 107 -4.01 -11.79 8.40
C PHE F 107 -4.85 -12.90 8.99
N ALA F 108 -4.43 -13.58 10.05
CA ALA F 108 -5.11 -14.77 10.53
C ALA F 108 -5.36 -14.67 12.03
N LEU F 109 -6.24 -15.56 12.52
CA LEU F 109 -6.73 -15.52 13.89
C LEU F 109 -6.57 -16.84 14.63
N GLU F 110 -6.80 -17.97 13.95
CA GLU F 110 -6.72 -19.28 14.61
C GLU F 110 -5.99 -20.26 13.71
N THR F 111 -5.45 -21.30 14.35
CA THR F 111 -4.60 -22.26 13.65
C THR F 111 -5.35 -22.94 12.51
N GLN F 112 -6.63 -23.27 12.73
CA GLN F 112 -7.39 -24.00 11.72
C GLN F 112 -7.43 -23.25 10.40
N PHE F 113 -7.33 -21.92 10.43
CA PHE F 113 -7.40 -21.09 9.23
C PHE F 113 -6.19 -20.14 9.23
N ASN F 114 -4.99 -20.71 9.11
CA ASN F 114 -3.76 -19.92 9.10
C ASN F 114 -3.18 -19.79 7.70
N LEU F 115 -4.02 -19.90 6.67
CA LEU F 115 -3.75 -19.33 5.36
C LEU F 115 -2.71 -20.08 4.52
N VAL F 116 -1.55 -20.36 5.10
CA VAL F 116 -0.38 -20.75 4.30
C VAL F 116 0.36 -21.89 4.98
N HIS F 117 1.12 -22.64 4.18
CA HIS F 117 2.03 -23.65 4.68
C HIS F 117 3.32 -23.62 3.87
N GLY F 118 4.44 -23.81 4.55
CA GLY F 118 5.72 -23.96 3.89
C GLY F 118 6.44 -25.19 4.40
N SER F 119 7.29 -25.74 3.55
CA SER F 119 8.08 -26.90 3.94
C SER F 119 8.91 -26.59 5.17
N ASP F 120 9.10 -27.60 6.01
CA ASP F 120 9.82 -27.45 7.27
C ASP F 120 11.25 -28.00 7.20
N SER F 121 11.67 -28.50 6.05
CA SER F 121 13.01 -29.06 5.91
C SER F 121 13.29 -29.32 4.45
N ALA F 122 14.58 -29.30 4.09
CA ALA F 122 14.97 -29.69 2.73
C ALA F 122 14.42 -31.08 2.41
N GLU F 123 14.41 -31.97 3.39
CA GLU F 123 13.80 -33.29 3.22
C GLU F 123 12.35 -33.15 2.77
N SER F 124 11.55 -32.36 3.49
CA SER F 124 10.15 -32.20 3.15
C SER F 124 9.97 -31.49 1.82
N ALA F 125 10.75 -30.42 1.58
CA ALA F 125 10.64 -29.70 0.33
C ALA F 125 10.89 -30.62 -0.87
N GLN F 126 11.81 -31.56 -0.72
CA GLN F 126 12.12 -32.48 -1.81
C GLN F 126 10.88 -33.29 -2.22
N ARG F 127 10.30 -34.02 -1.28
CA ARG F 127 9.15 -34.86 -1.62
C ARG F 127 7.92 -34.01 -1.91
N GLU F 128 7.71 -32.93 -1.16
CA GLU F 128 6.56 -32.08 -1.39
C GLU F 128 6.57 -31.51 -2.80
N ILE F 129 7.72 -30.99 -3.23
CA ILE F 129 7.83 -30.43 -4.59
C ILE F 129 7.58 -31.52 -5.63
N ALA F 130 8.12 -32.72 -5.39
CA ALA F 130 7.87 -33.83 -6.31
C ALA F 130 6.41 -34.22 -6.33
N LEU F 131 5.70 -34.02 -5.22
CA LEU F 131 4.29 -34.39 -5.15
C LEU F 131 3.42 -33.42 -5.93
N TRP F 132 3.67 -32.12 -5.78
CA TRP F 132 2.80 -31.10 -6.37
C TRP F 132 3.24 -30.69 -7.76
N PHE F 133 4.54 -30.77 -8.06
CA PHE F 133 5.08 -30.39 -9.37
C PHE F 133 5.96 -31.53 -9.87
N PRO F 134 5.36 -32.54 -10.50
CA PRO F 134 6.15 -33.68 -10.97
C PRO F 134 7.18 -33.25 -12.00
N GLY F 135 8.41 -33.71 -11.83
CA GLY F 135 9.47 -33.39 -12.78
C GLY F 135 9.99 -31.98 -12.67
N ALA F 136 9.87 -31.35 -11.51
CA ALA F 136 10.40 -30.00 -11.31
C ALA F 136 11.77 -30.07 -10.64
S SO4 G . 3.32 21.92 -13.38
O1 SO4 G . 2.63 20.68 -13.70
O2 SO4 G . 3.84 22.52 -14.61
O3 SO4 G . 2.39 22.85 -12.75
O4 SO4 G . 4.43 21.65 -12.47
S SO4 H . 2.02 17.90 -19.59
O1 SO4 H . 1.40 16.77 -18.90
O2 SO4 H . 1.68 17.85 -21.02
O3 SO4 H . 1.54 19.15 -19.02
O4 SO4 H . 3.47 17.81 -19.44
S SO4 I . 24.43 -3.05 11.43
O1 SO4 I . 24.84 -2.68 10.08
O2 SO4 I . 24.31 -4.50 11.53
O3 SO4 I . 23.14 -2.44 11.73
O4 SO4 I . 25.43 -2.57 12.37
S SO4 J . 20.84 -2.46 18.61
O1 SO4 J . 19.46 -2.40 18.14
O2 SO4 J . 21.56 -3.48 17.86
O3 SO4 J . 21.49 -1.16 18.41
O4 SO4 J . 20.85 -2.80 20.03
C TAM K . 2.69 -3.07 4.59
C1 TAM K . 3.99 -2.35 4.99
C2 TAM K . 2.99 -4.53 4.26
C3 TAM K . 1.69 -2.98 5.74
C4 TAM K . 5.12 -2.73 4.05
C5 TAM K . 1.70 -5.35 4.23
C6 TAM K . 1.63 -1.56 6.30
N TAM K . 2.14 -2.43 3.42
O4 TAM K . 6.12 -1.74 4.08
O5 TAM K . 1.90 -6.51 3.47
O6 TAM K . 0.42 -1.38 6.99
S SO4 L . -23.47 8.91 -6.63
O1 SO4 L . -24.23 7.71 -6.96
O2 SO4 L . -22.35 9.05 -7.56
O3 SO4 L . -24.34 10.08 -6.75
O4 SO4 L . -22.97 8.81 -5.27
S SO4 M . -19.18 14.99 -10.05
O1 SO4 M . -20.24 14.00 -10.21
O2 SO4 M . -19.23 15.95 -11.15
O3 SO4 M . -17.88 14.32 -10.05
O4 SO4 M . -19.36 15.68 -8.76
C TAM N . -1.77 2.00 -3.74
C1 TAM N . -3.06 2.67 -3.28
C2 TAM N . -0.82 3.05 -4.32
C3 TAM N . -2.07 0.97 -4.84
C4 TAM N . -4.00 1.70 -2.57
C5 TAM N . -0.42 4.09 -3.27
C6 TAM N . -0.94 -0.06 -4.92
N TAM N . -1.12 1.35 -2.62
O4 TAM N . -4.66 2.36 -1.54
O5 TAM N . 0.93 4.40 -3.41
O6 TAM N . -1.06 -0.78 -6.11
S SO4 O . -2.61 -0.06 26.76
O1 SO4 O . -3.45 -0.59 27.85
O2 SO4 O . -3.03 -0.64 25.49
O3 SO4 O . -2.76 1.38 26.71
O4 SO4 O . -1.21 -0.41 27.02
S SO4 P . -0.79 -7.70 27.47
O1 SO4 P . -2.09 -7.89 26.84
O2 SO4 P . -0.18 -9.00 27.72
O3 SO4 P . 0.07 -6.91 26.59
O4 SO4 P . -0.96 -7.00 28.74
S SO4 Q . -3.26 -5.48 -25.10
O1 SO4 Q . -4.24 -6.15 -25.95
O2 SO4 Q . -1.91 -5.84 -25.55
O3 SO4 Q . -3.44 -4.04 -25.20
O4 SO4 Q . -3.44 -5.90 -23.72
S SO4 R . -10.21 -1.69 -24.53
O1 SO4 R . -10.79 -3.04 -24.47
O2 SO4 R . -9.85 -1.37 -25.90
O3 SO4 R . -11.19 -0.72 -24.05
O4 SO4 R . -9.02 -1.64 -23.68
S SO4 S . 3.18 -25.18 9.93
O1 SO4 S . 1.87 -25.47 10.52
O2 SO4 S . 3.03 -25.04 8.48
O3 SO4 S . 3.70 -23.96 10.50
O4 SO4 S . 4.09 -26.28 10.22
S SO4 T . 9.81 -23.76 12.02
O1 SO4 T . 8.49 -23.90 12.62
O2 SO4 T . 10.10 -24.91 11.16
O3 SO4 T . 9.85 -22.54 11.21
O4 SO4 T . 10.82 -23.68 13.07
#